data_9Q3G
#
_entry.id   9Q3G
#
_cell.length_a   1.00
_cell.length_b   1.00
_cell.length_c   1.00
_cell.angle_alpha   90.00
_cell.angle_beta   90.00
_cell.angle_gamma   90.00
#
_symmetry.space_group_name_H-M   'P 1'
#
loop_
_entity.id
_entity.type
_entity.pdbx_description
1 polymer 'Protein argonaute-1'
2 polymer 'Non-homogenous guide RNA'
#
loop_
_entity_poly.entity_id
_entity_poly.type
_entity_poly.pdbx_seq_one_letter_code
_entity_poly.pdbx_strand_id
1 'polypeptide(L)'
;GAMGSMDYKDDDDKMEAGPSGAAAGAYLPPLQQVFQAPRRPGIGTVGKPIKLLANYFEVDIPKIDVYHYEVDIKPDKCPR
RVNREVVEYMVQHFKPQIFGDRKPVYDGKKNIYTVTALPIGNERVDFEVTIPGEGKDRIFKVSIKWLAIVSWRMLHEALV
SGQIPVPLESVQALDVAMRHLASMRYTPVGRSFFSPPEGYYHPLGGGREVWFGFHQSVRPAMWKMMLNIDVSATAFYKAQ
PVIEFMCEVLDIRNIDEQPKPLTDSQRVRFTKEIKGLKVEVTHCGQMKRKYRVCNVTRRPASHQTFPLQLESGQTVECTV
AQYFKQKYNLQLKYPHLPCLQVGQEQKHTYLPLEVCNIVAGQRCIKKLTDNQTSTMIKATARSAPDRQEEISRLMKNASY
NLDPYIQEFGIKVKDDMTEVTGRVLPAPILQYGGRNRAIATPNQGVWDMRGKQFYNGIEIKVWAIACFAPQKQCREEVLK
NFTDQLRKISKDAGMPIQGQPCFCKYAQGADSVEPMFRHLKNTYSGLQLIIVILPGKTPVYAEVKRVGDTLLGMATQCVQ
VKNVVKTSPQTLSNLCLKINVKLGGINNILVPHQRSAVFQQPVIFLGADVTHPPAGDGKKPSITAVVGSMDAHPSRYCAT
VRVQRPRQEIIEDLSYMVRELLIQFYKSTRFKPTRIIFYRDGVPEGQLPQILHYELLAIRDACIKLEKDYQPGITYIVVQ
KRHHTRLFCADKNERIGKSGNIPAGTTVDTNITHPFEFDFYLCSHAGIQGTSRPSHYYVLWDDNRFTADELQILTYQLCH
TYVRCTRSVSIPAPAYYARLVAFRARYHLVDKEHDSGEGSHISGQSNGRDPQALAKAVQVHQDTLRTMYFA
;
A
2 'polyribonucleotide' (N)(N)(N)(N)(N)(N)(N)(N) B
#
# COMPACT_ATOMS: atom_id res chain seq x y z
N GLN A 36 21.59 -19.49 1.40
CA GLN A 36 21.10 -18.55 2.39
C GLN A 36 19.67 -18.86 2.79
N ALA A 37 18.74 -18.65 1.87
CA ALA A 37 17.34 -18.89 2.15
C ALA A 37 17.10 -20.38 2.37
N PRO A 38 16.40 -20.77 3.44
CA PRO A 38 16.20 -22.19 3.71
C PRO A 38 15.27 -22.84 2.69
N ARG A 39 15.43 -24.15 2.55
CA ARG A 39 14.60 -24.96 1.68
C ARG A 39 13.34 -25.41 2.44
N ARG A 40 12.31 -25.72 1.67
CA ARG A 40 11.04 -26.14 2.27
C ARG A 40 11.22 -27.47 3.00
N PRO A 41 10.83 -27.56 4.27
CA PRO A 41 10.96 -28.82 5.01
C PRO A 41 9.81 -29.80 4.86
N GLY A 42 8.79 -29.47 4.09
CA GLY A 42 7.67 -30.38 3.88
C GLY A 42 6.39 -29.60 3.58
N ILE A 43 5.28 -30.31 3.68
CA ILE A 43 3.96 -29.75 3.42
C ILE A 43 3.04 -30.04 4.60
N GLY A 44 2.03 -29.18 4.77
CA GLY A 44 1.14 -29.30 5.91
C GLY A 44 0.09 -30.37 5.75
N THR A 45 -0.55 -30.71 6.88
CA THR A 45 -1.56 -31.76 6.90
C THR A 45 -2.84 -31.29 7.59
N VAL A 46 -2.71 -30.37 8.54
CA VAL A 46 -3.84 -29.97 9.36
C VAL A 46 -4.81 -29.13 8.55
N GLY A 47 -6.10 -29.49 8.63
CA GLY A 47 -7.14 -28.79 7.90
C GLY A 47 -7.96 -29.74 7.03
N LYS A 48 -9.00 -29.18 6.43
CA LYS A 48 -9.84 -29.96 5.54
C LYS A 48 -9.70 -29.46 4.10
N PRO A 49 -9.76 -30.37 3.13
CA PRO A 49 -9.48 -29.99 1.73
C PRO A 49 -10.57 -29.13 1.13
N ILE A 50 -10.19 -28.40 0.08
CA ILE A 50 -11.11 -27.56 -0.67
C ILE A 50 -10.55 -27.40 -2.08
N LYS A 51 -11.45 -27.27 -3.06
CA LYS A 51 -11.06 -27.15 -4.47
C LYS A 51 -11.12 -25.69 -4.88
N LEU A 52 -10.10 -25.22 -5.59
CA LEU A 52 -9.99 -23.82 -5.95
C LEU A 52 -9.55 -23.69 -7.41
N LEU A 53 -9.60 -22.46 -7.91
CA LEU A 53 -9.08 -22.09 -9.21
C LEU A 53 -8.29 -20.81 -9.07
N ALA A 54 -7.16 -20.71 -9.77
CA ALA A 54 -6.34 -19.51 -9.76
C ALA A 54 -6.11 -19.04 -11.19
N ASN A 55 -5.79 -17.75 -11.34
CA ASN A 55 -5.66 -17.16 -12.66
C ASN A 55 -4.23 -17.33 -13.19
N TYR A 56 -3.83 -18.59 -13.33
CA TYR A 56 -2.53 -18.97 -13.86
C TYR A 56 -2.72 -19.86 -15.07
N PHE A 57 -2.14 -19.48 -16.21
CA PHE A 57 -2.21 -20.24 -17.44
C PHE A 57 -0.82 -20.72 -17.80
N GLU A 58 -0.68 -22.03 -18.04
CA GLU A 58 0.63 -22.63 -18.24
C GLU A 58 1.25 -22.22 -19.57
N VAL A 59 2.56 -22.37 -19.65
CA VAL A 59 3.33 -22.12 -20.87
C VAL A 59 4.38 -23.22 -21.02
N ASP A 60 4.47 -23.79 -22.22
CA ASP A 60 5.49 -24.79 -22.54
C ASP A 60 6.47 -24.19 -23.52
N ILE A 61 7.74 -24.16 -23.15
CA ILE A 61 8.78 -23.56 -23.97
C ILE A 61 9.66 -24.66 -24.57
N PRO A 62 10.12 -24.49 -25.81
CA PRO A 62 11.03 -25.49 -26.39
C PRO A 62 12.46 -25.28 -25.92
N LYS A 63 13.25 -26.34 -26.06
CA LYS A 63 14.64 -26.35 -25.61
C LYS A 63 15.53 -25.93 -26.77
N ILE A 64 15.71 -24.61 -26.93
CA ILE A 64 16.59 -24.03 -27.93
C ILE A 64 17.47 -22.99 -27.25
N ASP A 65 18.29 -22.32 -28.06
CA ASP A 65 19.20 -21.29 -27.55
C ASP A 65 18.98 -20.01 -28.33
N VAL A 66 18.76 -18.92 -27.59
CA VAL A 66 18.46 -17.62 -28.19
C VAL A 66 19.67 -16.72 -28.02
N TYR A 67 19.81 -15.75 -28.92
CA TYR A 67 20.97 -14.89 -29.01
C TYR A 67 20.60 -13.48 -28.60
N HIS A 68 21.30 -12.94 -27.61
CA HIS A 68 20.96 -11.66 -27.02
C HIS A 68 21.93 -10.58 -27.52
N TYR A 69 21.39 -9.48 -28.00
CA TYR A 69 22.16 -8.38 -28.54
C TYR A 69 21.91 -7.12 -27.71
N GLU A 70 22.44 -5.99 -28.19
CA GLU A 70 22.23 -4.70 -27.55
C GLU A 70 22.13 -3.63 -28.63
N VAL A 71 21.27 -2.64 -28.40
CA VAL A 71 21.07 -1.56 -29.36
C VAL A 71 21.21 -0.23 -28.63
N ASP A 72 21.51 0.82 -29.39
CA ASP A 72 21.70 2.15 -28.84
C ASP A 72 20.99 3.17 -29.71
N ILE A 73 20.41 4.18 -29.07
CA ILE A 73 19.72 5.27 -29.75
C ILE A 73 20.27 6.58 -29.22
N LYS A 74 20.67 7.46 -30.14
CA LYS A 74 21.24 8.77 -29.78
C LYS A 74 20.44 9.86 -30.46
N PRO A 75 19.85 10.81 -29.71
CA PRO A 75 19.82 10.92 -28.25
C PRO A 75 18.73 10.06 -27.63
N ASP A 76 18.76 9.87 -26.31
CA ASP A 76 17.80 9.02 -25.62
C ASP A 76 16.82 9.81 -24.75
N LYS A 77 16.67 11.11 -25.01
CA LYS A 77 15.70 11.89 -24.25
C LYS A 77 14.27 11.58 -24.68
N CYS A 78 14.08 11.13 -25.90
CA CYS A 78 12.75 10.84 -26.42
C CYS A 78 12.15 9.62 -25.73
N PRO A 79 10.81 9.49 -25.74
CA PRO A 79 10.16 8.36 -25.06
C PRO A 79 10.40 7.03 -25.76
N ARG A 80 9.78 5.97 -25.23
CA ARG A 80 9.98 4.63 -25.78
C ARG A 80 9.19 4.40 -27.07
N ARG A 81 8.06 5.09 -27.24
CA ARG A 81 7.22 4.84 -28.42
C ARG A 81 7.95 5.23 -29.71
N VAL A 82 8.62 6.39 -29.70
CA VAL A 82 9.36 6.81 -30.88
C VAL A 82 10.54 5.88 -31.13
N ASN A 83 11.17 5.38 -30.08
CA ASN A 83 12.24 4.39 -30.26
C ASN A 83 11.71 3.14 -30.94
N ARG A 84 10.54 2.66 -30.51
CA ARG A 84 9.94 1.49 -31.15
C ARG A 84 9.64 1.75 -32.62
N GLU A 85 9.08 2.93 -32.92
CA GLU A 85 8.79 3.26 -34.31
C GLU A 85 10.07 3.32 -35.15
N VAL A 86 11.12 3.93 -34.61
CA VAL A 86 12.38 4.04 -35.35
C VAL A 86 12.97 2.67 -35.60
N VAL A 87 12.95 1.79 -34.58
CA VAL A 87 13.51 0.45 -34.75
C VAL A 87 12.70 -0.34 -35.77
N GLU A 88 11.37 -0.20 -35.74
CA GLU A 88 10.55 -0.90 -36.72
C GLU A 88 10.84 -0.41 -38.14
N TYR A 89 10.97 0.91 -38.32
CA TYR A 89 11.30 1.45 -39.63
C TYR A 89 12.66 0.94 -40.10
N MET A 90 13.65 0.92 -39.20
CA MET A 90 14.98 0.43 -39.56
C MET A 90 14.95 -1.04 -39.96
N VAL A 91 14.27 -1.88 -39.18
CA VAL A 91 14.25 -3.30 -39.50
C VAL A 91 13.45 -3.55 -40.78
N GLN A 92 12.50 -2.66 -41.10
CA GLN A 92 11.75 -2.83 -42.34
C GLN A 92 12.57 -2.41 -43.55
N HIS A 93 13.40 -1.36 -43.40
CA HIS A 93 14.10 -0.78 -44.54
C HIS A 93 15.56 -1.22 -44.63
N PHE A 94 15.97 -2.22 -43.85
CA PHE A 94 17.32 -2.76 -43.92
C PHE A 94 17.29 -4.28 -43.90
N LYS A 95 16.23 -4.87 -44.45
CA LYS A 95 16.11 -6.32 -44.47
C LYS A 95 17.21 -7.00 -45.27
N PRO A 96 17.50 -6.63 -46.54
CA PRO A 96 18.45 -7.42 -47.33
C PRO A 96 19.90 -7.08 -47.04
N GLN A 97 20.17 -6.38 -45.94
CA GLN A 97 21.53 -5.99 -45.60
C GLN A 97 22.04 -6.69 -44.35
N ILE A 98 21.34 -6.57 -43.23
CA ILE A 98 21.84 -7.12 -41.97
C ILE A 98 20.82 -7.97 -41.22
N PHE A 99 19.53 -7.92 -41.56
CA PHE A 99 18.52 -8.68 -40.84
C PHE A 99 17.99 -9.87 -41.63
N GLY A 100 17.59 -9.67 -42.88
CA GLY A 100 17.07 -10.74 -43.69
C GLY A 100 15.56 -10.90 -43.61
N ASP A 101 15.10 -12.13 -43.44
CA ASP A 101 13.68 -12.42 -43.26
C ASP A 101 13.33 -12.66 -41.80
N ARG A 102 14.26 -12.37 -40.89
CA ARG A 102 14.08 -12.72 -39.49
C ARG A 102 13.32 -11.62 -38.75
N LYS A 103 12.52 -12.02 -37.77
CA LYS A 103 11.69 -11.08 -37.03
C LYS A 103 12.24 -10.86 -35.64
N PRO A 104 12.82 -9.69 -35.36
CA PRO A 104 13.38 -9.43 -34.03
C PRO A 104 12.30 -9.14 -33.00
N VAL A 105 12.66 -9.36 -31.74
CA VAL A 105 11.81 -9.03 -30.59
C VAL A 105 12.50 -7.90 -29.84
N TYR A 106 11.88 -6.72 -29.84
CA TYR A 106 12.49 -5.52 -29.28
C TYR A 106 11.98 -5.27 -27.86
N ASP A 107 12.77 -4.53 -27.09
CA ASP A 107 12.44 -4.15 -25.72
C ASP A 107 11.95 -2.72 -25.61
N GLY A 108 12.71 -1.76 -26.14
CA GLY A 108 12.32 -0.37 -26.07
C GLY A 108 13.46 0.57 -25.75
N LYS A 109 14.43 0.12 -24.95
CA LYS A 109 15.56 0.96 -24.56
C LYS A 109 16.90 0.47 -25.09
N LYS A 110 17.32 -0.76 -24.79
CA LYS A 110 18.65 -1.20 -25.22
C LYS A 110 18.66 -2.61 -25.79
N ASN A 111 17.72 -3.46 -25.38
CA ASN A 111 17.80 -4.88 -25.67
C ASN A 111 17.09 -5.23 -26.98
N ILE A 112 17.56 -6.30 -27.61
CA ILE A 112 16.94 -6.86 -28.80
C ILE A 112 17.33 -8.32 -28.87
N TYR A 113 16.39 -9.16 -29.31
CA TYR A 113 16.59 -10.60 -29.32
C TYR A 113 16.30 -11.15 -30.71
N THR A 114 16.96 -12.27 -31.02
CA THR A 114 16.81 -12.92 -32.31
C THR A 114 16.95 -14.42 -32.12
N VAL A 115 16.20 -15.17 -32.93
CA VAL A 115 16.15 -16.62 -32.75
C VAL A 115 17.46 -17.31 -33.11
N THR A 116 18.18 -16.86 -34.15
CA THR A 116 19.46 -17.44 -34.52
C THR A 116 20.42 -16.31 -34.87
N ALA A 117 21.71 -16.57 -34.66
CA ALA A 117 22.72 -15.52 -34.63
C ALA A 117 22.79 -14.75 -35.94
N LEU A 118 22.93 -13.44 -35.83
CA LEU A 118 23.13 -12.59 -36.99
C LEU A 118 24.57 -12.72 -37.48
N PRO A 119 24.80 -13.07 -38.74
CA PRO A 119 26.17 -13.26 -39.22
C PRO A 119 26.89 -11.94 -39.48
N ILE A 120 27.20 -11.21 -38.41
CA ILE A 120 27.89 -9.90 -38.54
C ILE A 120 29.09 -9.86 -37.57
N GLY A 121 28.85 -10.10 -36.28
CA GLY A 121 29.94 -10.11 -35.28
C GLY A 121 29.54 -9.46 -33.98
N ASN A 122 30.51 -9.20 -33.09
CA ASN A 122 30.22 -8.59 -31.77
C ASN A 122 30.84 -7.18 -31.71
N GLU A 123 31.03 -6.54 -32.85
CA GLU A 123 31.70 -5.21 -32.89
C GLU A 123 30.65 -4.12 -33.12
N ARG A 124 30.74 -3.01 -32.39
CA ARG A 124 29.81 -1.87 -32.60
C ARG A 124 29.96 -1.37 -34.04
N VAL A 125 28.85 -1.24 -34.77
CA VAL A 125 28.90 -0.77 -36.18
C VAL A 125 27.60 -0.04 -36.51
N ASP A 126 27.70 1.08 -37.24
CA ASP A 126 26.49 1.85 -37.65
C ASP A 126 26.19 1.58 -39.12
N LYS A 141 23.33 7.09 -36.33
CA LYS A 141 24.14 6.63 -35.22
C LYS A 141 23.39 5.60 -34.35
N VAL A 142 23.25 4.40 -34.88
CA VAL A 142 22.64 3.28 -34.17
C VAL A 142 23.61 2.10 -34.23
N SER A 143 23.84 1.47 -33.09
CA SER A 143 24.86 0.45 -32.96
C SER A 143 24.25 -0.85 -32.46
N ILE A 144 24.96 -1.94 -32.69
CA ILE A 144 24.56 -3.26 -32.23
C ILE A 144 25.80 -4.13 -32.11
N LYS A 145 25.87 -4.93 -31.04
CA LYS A 145 27.01 -5.81 -30.82
C LYS A 145 26.57 -7.02 -30.00
N TRP A 146 27.09 -8.18 -30.37
CA TRP A 146 26.80 -9.42 -29.65
C TRP A 146 27.19 -9.27 -28.18
N LEU A 147 26.32 -9.76 -27.30
CA LEU A 147 26.51 -9.58 -25.87
C LEU A 147 26.67 -10.89 -25.12
N ALA A 148 25.74 -11.83 -25.26
CA ALA A 148 25.81 -13.07 -24.50
C ALA A 148 24.96 -14.13 -25.16
N ILE A 149 24.89 -15.30 -24.53
CA ILE A 149 24.10 -16.44 -24.99
C ILE A 149 23.12 -16.81 -23.88
N VAL A 150 21.85 -17.00 -24.25
CA VAL A 150 20.81 -17.37 -23.32
C VAL A 150 20.28 -18.73 -23.72
N SER A 151 20.18 -19.65 -22.77
CA SER A 151 19.76 -21.02 -23.03
C SER A 151 18.50 -21.33 -22.25
N TRP A 152 17.52 -21.95 -22.93
CA TRP A 152 16.29 -22.35 -22.28
C TRP A 152 16.31 -23.80 -21.79
N ARG A 153 17.20 -24.63 -22.34
CA ARG A 153 17.36 -25.99 -21.84
C ARG A 153 17.83 -25.99 -20.40
N MET A 154 18.76 -25.10 -20.05
CA MET A 154 19.22 -25.00 -18.67
C MET A 154 18.08 -24.59 -17.75
N LEU A 155 17.23 -23.66 -18.20
CA LEU A 155 16.07 -23.27 -17.40
C LEU A 155 15.12 -24.44 -17.19
N HIS A 156 14.89 -25.23 -18.24
CA HIS A 156 14.00 -26.39 -18.10
C HIS A 156 14.57 -27.40 -17.09
N GLU A 157 15.86 -27.68 -17.19
CA GLU A 157 16.47 -28.62 -16.24
C GLU A 157 16.45 -28.07 -14.82
N ALA A 158 16.66 -26.75 -14.66
CA ALA A 158 16.62 -26.14 -13.34
C ALA A 158 15.23 -26.24 -12.73
N LEU A 159 14.19 -26.03 -13.54
CA LEU A 159 12.83 -26.17 -13.04
C LEU A 159 12.52 -27.61 -12.66
N VAL A 160 12.92 -28.57 -13.50
CA VAL A 160 12.57 -29.96 -13.23
C VAL A 160 13.30 -30.48 -12.00
N SER A 161 14.62 -30.24 -11.92
CA SER A 161 15.43 -30.85 -10.86
C SER A 161 15.03 -30.32 -9.49
N GLY A 162 14.95 -29.00 -9.36
CA GLY A 162 14.51 -28.40 -8.08
C GLY A 162 15.65 -28.06 -7.14
N GLN A 163 16.76 -28.79 -7.26
CA GLN A 163 17.96 -28.53 -6.41
C GLN A 163 18.77 -27.39 -7.03
N ILE A 164 18.43 -27.01 -8.27
CA ILE A 164 19.19 -25.93 -8.97
C ILE A 164 18.28 -24.69 -9.12
N PRO A 165 18.67 -23.52 -8.60
CA PRO A 165 17.89 -22.29 -8.78
C PRO A 165 17.87 -21.87 -10.25
N VAL A 166 16.76 -21.27 -10.70
CA VAL A 166 16.63 -20.89 -12.13
C VAL A 166 17.30 -19.52 -12.36
N PRO A 167 17.83 -19.24 -13.57
CA PRO A 167 18.46 -17.95 -13.86
C PRO A 167 17.45 -16.82 -14.10
N LEU A 168 17.94 -15.63 -14.44
CA LEU A 168 17.06 -14.49 -14.68
C LEU A 168 17.07 -14.00 -16.13
N GLU A 169 18.16 -14.24 -16.86
CA GLU A 169 18.24 -13.80 -18.25
C GLU A 169 17.21 -14.53 -19.11
N SER A 170 17.04 -15.84 -18.90
CA SER A 170 16.05 -16.59 -19.64
C SER A 170 14.64 -16.09 -19.37
N VAL A 171 14.34 -15.83 -18.09
CA VAL A 171 13.01 -15.32 -17.73
C VAL A 171 12.77 -13.97 -18.37
N GLN A 172 13.78 -13.09 -18.34
CA GLN A 172 13.63 -11.78 -18.97
C GLN A 172 13.42 -11.91 -20.48
N ALA A 173 14.15 -12.83 -21.13
CA ALA A 173 13.98 -13.03 -22.56
C ALA A 173 12.57 -13.50 -22.89
N LEU A 174 12.06 -14.45 -22.12
CA LEU A 174 10.71 -14.94 -22.36
C LEU A 174 9.68 -13.84 -22.14
N ASP A 175 9.84 -13.05 -21.08
CA ASP A 175 8.90 -11.98 -20.78
C ASP A 175 8.87 -10.94 -21.89
N VAL A 176 10.04 -10.58 -22.42
CA VAL A 176 10.06 -9.66 -23.55
C VAL A 176 9.44 -10.32 -24.78
N ALA A 177 9.61 -11.63 -24.94
CA ALA A 177 9.05 -12.31 -26.10
C ALA A 177 7.53 -12.27 -26.11
N MET A 178 6.89 -12.40 -24.94
CA MET A 178 5.44 -12.44 -24.85
C MET A 178 4.80 -11.06 -24.65
N ARG A 179 5.43 -10.00 -25.12
CA ARG A 179 4.89 -8.67 -24.91
C ARG A 179 5.01 -7.74 -26.11
N HIS A 180 5.51 -8.22 -27.26
CA HIS A 180 5.75 -7.32 -28.37
C HIS A 180 4.45 -6.83 -29.00
N LEU A 181 3.52 -7.75 -29.29
CA LEU A 181 2.31 -7.35 -29.99
C LEU A 181 1.41 -6.50 -29.12
N ALA A 182 1.23 -6.89 -27.85
CA ALA A 182 0.37 -6.13 -26.95
C ALA A 182 0.90 -4.72 -26.75
N SER A 183 2.22 -4.58 -26.57
CA SER A 183 2.81 -3.24 -26.45
C SER A 183 2.74 -2.49 -27.77
N MET A 184 2.68 -3.21 -28.89
CA MET A 184 2.56 -2.55 -30.18
C MET A 184 1.17 -1.99 -30.39
N ARG A 185 0.14 -2.64 -29.83
CA ARG A 185 -1.25 -2.23 -30.05
C ARG A 185 -1.81 -1.34 -28.94
N TYR A 186 -1.55 -1.68 -27.68
CA TYR A 186 -2.14 -0.99 -26.54
C TYR A 186 -1.24 0.15 -26.07
N THR A 187 -1.58 0.73 -24.91
CA THR A 187 -0.80 1.83 -24.33
C THR A 187 -0.17 1.38 -23.03
N PRO A 188 1.15 1.17 -22.97
CA PRO A 188 1.77 0.66 -21.75
C PRO A 188 1.91 1.74 -20.67
N VAL A 189 1.55 1.37 -19.44
CA VAL A 189 1.77 2.21 -18.27
C VAL A 189 2.28 1.33 -17.15
N GLY A 190 3.58 1.38 -16.88
CA GLY A 190 4.17 0.49 -15.89
C GLY A 190 4.28 -0.93 -16.43
N ARG A 191 3.45 -1.83 -15.91
CA ARG A 191 3.38 -3.20 -16.39
C ARG A 191 1.97 -3.59 -16.83
N SER A 192 1.13 -2.61 -17.17
CA SER A 192 -0.25 -2.86 -17.53
C SER A 192 -0.58 -2.10 -18.81
N PHE A 193 -1.55 -2.63 -19.56
CA PHE A 193 -1.95 -2.05 -20.84
C PHE A 193 -3.38 -1.52 -20.71
N PHE A 194 -3.57 -0.26 -21.04
CA PHE A 194 -4.86 0.41 -20.93
C PHE A 194 -5.34 0.84 -22.31
N SER A 195 -6.64 0.75 -22.53
CA SER A 195 -7.24 1.16 -23.78
C SER A 195 -8.24 2.28 -23.55
N PRO A 196 -8.29 3.28 -24.43
CA PRO A 196 -9.21 4.40 -24.21
C PRO A 196 -10.64 3.92 -24.16
N PRO A 197 -11.46 4.50 -23.29
CA PRO A 197 -12.83 4.01 -23.13
C PRO A 197 -13.67 4.26 -24.37
N GLU A 198 -14.62 3.35 -24.62
CA GLU A 198 -15.57 3.46 -25.71
C GLU A 198 -16.89 2.82 -25.28
N GLY A 199 -17.99 3.54 -25.44
CA GLY A 199 -19.29 3.02 -25.08
C GLY A 199 -19.69 3.20 -23.63
N TYR A 200 -18.88 3.90 -22.84
CA TYR A 200 -19.22 4.17 -21.45
C TYR A 200 -18.50 5.43 -21.00
N TYR A 201 -18.90 5.95 -19.84
CA TYR A 201 -18.36 7.20 -19.34
C TYR A 201 -18.48 7.21 -17.82
N HIS A 202 -17.36 7.36 -17.13
CA HIS A 202 -17.31 7.35 -15.66
C HIS A 202 -16.51 8.56 -15.17
N PRO A 203 -17.12 9.74 -15.14
CA PRO A 203 -16.43 10.91 -14.62
C PRO A 203 -16.14 10.78 -13.13
N LEU A 204 -15.08 11.45 -12.70
CA LEU A 204 -14.74 11.53 -11.28
C LEU A 204 -14.83 12.94 -10.71
N GLY A 205 -14.98 13.96 -11.56
CA GLY A 205 -15.04 15.32 -11.07
C GLY A 205 -13.68 15.98 -11.03
N GLY A 206 -13.49 17.04 -11.81
CA GLY A 206 -12.23 17.73 -11.88
C GLY A 206 -11.36 17.36 -13.07
N GLY A 207 -11.96 17.04 -14.21
CA GLY A 207 -11.19 16.69 -15.39
C GLY A 207 -10.38 15.41 -15.26
N ARG A 208 -10.99 14.36 -14.70
CA ARG A 208 -10.35 13.06 -14.60
C ARG A 208 -11.33 11.98 -15.06
N GLU A 209 -10.77 10.97 -15.73
CA GLU A 209 -11.54 9.87 -16.28
C GLU A 209 -10.98 8.56 -15.75
N VAL A 210 -11.66 7.46 -16.04
CA VAL A 210 -11.26 6.14 -15.59
C VAL A 210 -11.14 5.23 -16.79
N TRP A 211 -9.97 4.60 -16.94
CA TRP A 211 -9.68 3.70 -18.05
C TRP A 211 -9.47 2.30 -17.52
N PHE A 212 -9.85 1.29 -18.31
CA PHE A 212 -9.77 -0.10 -17.91
C PHE A 212 -8.67 -0.81 -18.69
N GLY A 213 -8.29 -1.98 -18.18
CA GLY A 213 -7.23 -2.74 -18.80
C GLY A 213 -6.91 -3.99 -18.01
N PHE A 214 -5.74 -4.56 -18.27
CA PHE A 214 -5.30 -5.77 -17.62
C PHE A 214 -3.82 -5.68 -17.29
N HIS A 215 -3.32 -6.72 -16.63
CA HIS A 215 -1.93 -6.77 -16.18
C HIS A 215 -1.37 -8.15 -16.52
N GLN A 216 -0.17 -8.17 -17.09
CA GLN A 216 0.44 -9.42 -17.55
C GLN A 216 1.89 -9.51 -17.10
N SER A 217 2.28 -10.69 -16.65
CA SER A 217 3.66 -10.96 -16.25
C SER A 217 3.88 -12.47 -16.25
N VAL A 218 5.15 -12.86 -16.20
CA VAL A 218 5.54 -14.27 -16.25
C VAL A 218 6.29 -14.60 -14.97
N ARG A 219 5.90 -15.70 -14.32
CA ARG A 219 6.50 -16.15 -13.09
C ARG A 219 6.76 -17.64 -13.15
N PRO A 220 7.83 -18.12 -12.50
CA PRO A 220 8.12 -19.55 -12.49
C PRO A 220 7.23 -20.30 -11.50
N ALA A 221 7.25 -21.63 -11.63
CA ALA A 221 6.43 -22.50 -10.80
C ALA A 221 7.19 -23.80 -10.56
N MET A 222 6.48 -24.81 -10.07
CA MET A 222 7.14 -26.01 -9.55
C MET A 222 7.69 -26.89 -10.67
N TRP A 223 6.94 -27.06 -11.75
CA TRP A 223 7.36 -27.94 -12.84
C TRP A 223 7.43 -27.26 -14.20
N LYS A 224 6.90 -26.04 -14.32
CA LYS A 224 6.88 -25.33 -15.59
C LYS A 224 6.65 -23.86 -15.28
N MET A 225 6.39 -23.07 -16.32
CA MET A 225 6.20 -21.64 -16.18
C MET A 225 4.72 -21.28 -16.30
N MET A 226 4.35 -20.15 -15.73
CA MET A 226 2.97 -19.70 -15.68
C MET A 226 2.85 -18.27 -16.16
N LEU A 227 1.64 -17.91 -16.57
CA LEU A 227 1.30 -16.56 -17.03
C LEU A 227 0.19 -16.01 -16.16
N ASN A 228 0.32 -14.74 -15.77
CA ASN A 228 -0.54 -14.13 -14.76
C ASN A 228 -1.35 -13.02 -15.40
N ILE A 229 -2.67 -13.10 -15.28
CA ILE A 229 -3.60 -12.13 -15.86
C ILE A 229 -4.54 -11.64 -14.77
N ASP A 230 -4.82 -10.33 -14.78
CA ASP A 230 -5.78 -9.75 -13.86
C ASP A 230 -6.22 -8.39 -14.39
N VAL A 231 -7.49 -8.06 -14.16
CA VAL A 231 -8.05 -6.80 -14.64
C VAL A 231 -7.60 -5.66 -13.73
N SER A 232 -7.70 -4.43 -14.22
CA SER A 232 -7.24 -3.27 -13.49
C SER A 232 -7.92 -2.02 -14.02
N ALA A 233 -7.78 -0.93 -13.27
CA ALA A 233 -8.30 0.37 -13.66
C ALA A 233 -7.45 1.46 -13.03
N THR A 234 -7.32 2.58 -13.73
CA THR A 234 -6.46 3.66 -13.26
C THR A 234 -6.96 4.97 -13.84
N ALA A 235 -6.90 6.03 -13.03
CA ALA A 235 -7.37 7.34 -13.45
C ALA A 235 -6.42 7.95 -14.48
N PHE A 236 -6.99 8.72 -15.40
CA PHE A 236 -6.23 9.46 -16.40
C PHE A 236 -6.72 10.90 -16.47
N TYR A 237 -6.25 11.66 -17.45
CA TYR A 237 -6.71 13.03 -17.68
C TYR A 237 -7.54 13.07 -18.94
N LYS A 238 -8.78 13.53 -18.81
CA LYS A 238 -9.68 13.57 -19.96
C LYS A 238 -9.24 14.64 -20.95
N ALA A 239 -9.59 14.43 -22.21
CA ALA A 239 -9.21 15.32 -23.30
C ALA A 239 -10.40 16.19 -23.67
N GLN A 240 -10.19 17.51 -23.67
CA GLN A 240 -11.26 18.46 -23.96
C GLN A 240 -10.65 19.85 -24.11
N PRO A 241 -11.35 20.77 -24.75
CA PRO A 241 -10.87 22.16 -24.80
C PRO A 241 -10.74 22.77 -23.41
N VAL A 242 -9.80 23.69 -23.29
CA VAL A 242 -9.36 24.17 -21.97
C VAL A 242 -10.37 25.10 -21.30
N ILE A 243 -11.38 25.60 -22.03
CA ILE A 243 -12.35 26.50 -21.41
C ILE A 243 -13.20 25.75 -20.40
N GLU A 244 -13.71 24.57 -20.76
CA GLU A 244 -14.49 23.80 -19.80
C GLU A 244 -13.62 23.15 -18.73
N PHE A 245 -12.36 22.86 -19.04
CA PHE A 245 -11.43 22.48 -17.99
C PHE A 245 -11.27 23.59 -16.97
N MET A 246 -11.18 24.83 -17.45
CA MET A 246 -11.07 25.99 -16.56
C MET A 246 -12.31 26.13 -15.69
N CYS A 247 -13.50 26.00 -16.29
CA CYS A 247 -14.70 26.16 -15.49
C CYS A 247 -14.91 24.99 -14.54
N GLU A 248 -14.36 23.82 -14.88
CA GLU A 248 -14.45 22.67 -13.98
C GLU A 248 -13.52 22.84 -12.79
N VAL A 249 -12.28 23.27 -13.02
CA VAL A 249 -11.34 23.41 -11.93
C VAL A 249 -11.60 24.67 -11.11
N LEU A 250 -12.29 25.65 -11.69
CA LEU A 250 -12.63 26.86 -10.94
C LEU A 250 -13.75 26.63 -9.94
N ASP A 251 -14.74 25.81 -10.29
CA ASP A 251 -15.82 25.42 -9.40
C ASP A 251 -16.49 26.64 -8.74
N ILE A 252 -17.00 27.53 -9.58
CA ILE A 252 -17.60 28.79 -9.15
C ILE A 252 -19.10 28.57 -8.98
N PRO A 261 -13.50 41.06 -9.82
CA PRO A 261 -12.33 40.37 -10.38
C PRO A 261 -11.99 39.10 -9.60
N LEU A 262 -11.41 38.14 -10.31
CA LEU A 262 -11.05 36.87 -9.70
C LEU A 262 -10.04 37.06 -8.58
N THR A 263 -10.28 36.43 -7.45
CA THR A 263 -9.38 36.49 -6.31
C THR A 263 -8.09 35.74 -6.63
N ASP A 264 -6.97 36.24 -6.08
CA ASP A 264 -5.69 35.60 -6.30
C ASP A 264 -5.64 34.19 -5.75
N SER A 265 -6.52 33.87 -4.79
CA SER A 265 -6.61 32.51 -4.29
C SER A 265 -7.01 31.55 -5.40
N GLN A 266 -7.94 31.97 -6.27
CA GLN A 266 -8.34 31.14 -7.39
C GLN A 266 -7.17 30.90 -8.33
N ARG A 267 -6.37 31.95 -8.60
CA ARG A 267 -5.20 31.78 -9.47
C ARG A 267 -4.20 30.82 -8.84
N VAL A 268 -3.99 30.91 -7.53
CA VAL A 268 -3.06 30.00 -6.86
C VAL A 268 -3.56 28.57 -6.96
N ARG A 269 -4.87 28.36 -6.74
CA ARG A 269 -5.44 27.02 -6.84
C ARG A 269 -5.28 26.46 -8.25
N PHE A 270 -5.54 27.29 -9.27
CA PHE A 270 -5.38 26.83 -10.65
C PHE A 270 -3.93 26.51 -10.97
N THR A 271 -3.00 27.33 -10.44
CA THR A 271 -1.58 27.06 -10.66
C THR A 271 -1.17 25.74 -10.02
N LYS A 272 -1.69 25.45 -8.82
CA LYS A 272 -1.42 24.19 -8.14
C LYS A 272 -2.05 23.00 -8.85
N GLU A 273 -3.22 23.17 -9.44
CA GLU A 273 -3.89 22.07 -10.13
C GLU A 273 -3.37 21.82 -11.53
N ILE A 274 -2.78 22.84 -12.17
CA ILE A 274 -2.23 22.68 -13.52
C ILE A 274 -0.79 22.22 -13.51
N LYS A 275 -0.19 22.04 -12.33
CA LYS A 275 1.22 21.69 -12.23
C LYS A 275 1.48 20.31 -12.82
N GLY A 276 2.57 20.19 -13.57
CA GLY A 276 3.04 18.91 -14.08
C GLY A 276 2.55 18.53 -15.47
N LEU A 277 1.63 19.29 -16.05
CA LEU A 277 1.14 18.94 -17.38
C LEU A 277 1.99 19.60 -18.46
N LYS A 278 1.70 19.23 -19.71
CA LYS A 278 2.42 19.81 -20.87
C LYS A 278 1.40 20.05 -21.98
N VAL A 279 1.14 21.32 -22.30
CA VAL A 279 0.17 21.66 -23.40
C VAL A 279 0.89 21.43 -24.74
N GLU A 280 0.11 21.21 -25.82
CA GLU A 280 0.71 20.97 -27.16
C GLU A 280 0.10 21.94 -28.16
N VAL A 281 0.94 22.69 -28.89
CA VAL A 281 0.44 23.61 -29.95
C VAL A 281 -0.08 22.76 -31.11
N THR A 282 -1.35 22.96 -31.50
CA THR A 282 -1.92 22.19 -32.60
C THR A 282 -2.06 22.99 -33.89
N HIS A 283 -2.17 24.31 -33.82
CA HIS A 283 -2.46 25.09 -35.01
C HIS A 283 -1.26 25.16 -35.94
N CYS A 284 -0.07 24.79 -35.46
CA CYS A 284 1.14 24.80 -36.28
C CYS A 284 1.32 23.43 -36.95
N GLY A 285 0.29 23.02 -37.67
CA GLY A 285 0.33 21.80 -38.47
C GLY A 285 0.63 20.53 -37.70
N GLN A 286 0.02 20.37 -36.53
CA GLN A 286 0.17 19.18 -35.70
C GLN A 286 1.64 18.87 -35.42
N MET A 287 2.30 19.84 -34.78
CA MET A 287 3.69 19.65 -34.38
C MET A 287 3.83 18.66 -33.23
N LYS A 288 2.83 18.60 -32.34
CA LYS A 288 2.86 17.75 -31.15
C LYS A 288 4.13 18.03 -30.34
N ARG A 289 4.42 19.31 -30.16
CA ARG A 289 5.58 19.75 -29.41
C ARG A 289 5.24 19.90 -27.93
N LYS A 290 5.30 18.78 -27.22
CA LYS A 290 5.07 18.79 -25.78
C LYS A 290 6.07 19.70 -25.10
N TYR A 291 5.56 20.62 -24.27
CA TYR A 291 6.36 21.67 -23.69
C TYR A 291 6.66 21.38 -22.23
N ARG A 292 7.93 21.51 -21.86
CA ARG A 292 8.38 21.18 -20.50
C ARG A 292 7.90 22.25 -19.53
N VAL A 293 6.83 21.94 -18.81
CA VAL A 293 6.33 22.83 -17.77
C VAL A 293 6.66 22.21 -16.42
N CYS A 294 7.48 22.91 -15.63
CA CYS A 294 7.89 22.44 -14.32
C CYS A 294 7.42 23.34 -13.18
N ASN A 295 7.25 24.63 -13.43
CA ASN A 295 6.78 25.56 -12.41
C ASN A 295 6.27 26.81 -13.10
N VAL A 296 5.07 27.25 -12.72
CA VAL A 296 4.47 28.46 -13.24
C VAL A 296 4.80 29.61 -12.29
N THR A 297 5.32 30.70 -12.83
CA THR A 297 5.65 31.86 -12.01
C THR A 297 4.40 32.44 -11.39
N ARG A 298 4.54 32.95 -10.16
CA ARG A 298 3.40 33.49 -9.44
C ARG A 298 2.90 34.77 -10.09
N ARG A 299 3.81 35.69 -10.40
CA ARG A 299 3.44 36.91 -11.11
C ARG A 299 3.63 36.71 -12.61
N PRO A 300 2.60 36.93 -13.43
CA PRO A 300 2.74 36.75 -14.87
C PRO A 300 3.79 37.66 -15.46
N ALA A 301 4.56 37.12 -16.41
CA ALA A 301 5.66 37.84 -17.04
C ALA A 301 5.28 38.51 -18.35
N SER A 302 4.00 38.46 -18.74
CA SER A 302 3.57 39.11 -19.97
C SER A 302 3.73 40.62 -19.90
N HIS A 303 3.80 41.18 -18.69
CA HIS A 303 3.89 42.63 -18.51
C HIS A 303 5.31 43.11 -18.23
N GLN A 304 6.21 42.20 -17.84
CA GLN A 304 7.60 42.54 -17.56
C GLN A 304 8.47 42.04 -18.71
N CYS A 318 8.88 40.58 -30.08
CA CYS A 318 7.84 39.64 -29.64
C CYS A 318 6.75 40.36 -28.85
N THR A 319 6.16 41.38 -29.47
CA THR A 319 5.07 42.12 -28.84
C THR A 319 3.86 41.22 -28.66
N VAL A 320 3.17 41.38 -27.52
CA VAL A 320 2.06 40.50 -27.18
C VAL A 320 0.73 41.16 -27.55
N ALA A 321 0.43 42.30 -26.93
CA ALA A 321 -0.86 42.94 -27.14
C ALA A 321 -1.00 43.42 -28.59
N GLN A 322 0.06 44.00 -29.14
CA GLN A 322 0.01 44.49 -30.52
C GLN A 322 -0.23 43.33 -31.49
N TYR A 323 0.51 42.23 -31.33
CA TYR A 323 0.32 41.08 -32.20
C TYR A 323 -1.09 40.50 -32.05
N PHE A 324 -1.60 40.42 -30.82
CA PHE A 324 -2.94 39.88 -30.61
C PHE A 324 -3.99 40.75 -31.29
N LYS A 325 -3.92 42.06 -31.09
CA LYS A 325 -4.91 42.97 -31.66
C LYS A 325 -4.76 43.12 -33.16
N GLN A 326 -3.60 42.79 -33.72
CA GLN A 326 -3.43 42.82 -35.16
C GLN A 326 -3.83 41.51 -35.83
N LYS A 327 -3.72 40.39 -35.13
CA LYS A 327 -4.06 39.10 -35.70
C LYS A 327 -5.55 38.77 -35.52
N TYR A 328 -6.06 38.83 -34.29
CA TYR A 328 -7.46 38.51 -34.05
C TYR A 328 -8.39 39.70 -34.25
N ASN A 329 -7.85 40.93 -34.30
CA ASN A 329 -8.61 42.16 -34.51
C ASN A 329 -9.91 42.22 -33.72
N LEU A 330 -9.92 41.64 -32.52
CA LEU A 330 -11.09 41.61 -31.68
C LEU A 330 -10.70 41.88 -30.24
N GLN A 331 -11.57 42.61 -29.53
CA GLN A 331 -11.30 43.00 -28.15
C GLN A 331 -11.74 41.95 -27.13
N LEU A 332 -12.53 40.96 -27.55
CA LEU A 332 -13.02 39.90 -26.67
C LEU A 332 -13.82 40.47 -25.51
N LYS A 333 -13.92 39.70 -24.43
CA LYS A 333 -14.67 40.09 -23.23
C LYS A 333 -13.80 40.19 -21.98
N TYR A 334 -12.88 39.24 -21.77
CA TYR A 334 -12.06 39.20 -20.57
C TYR A 334 -10.60 39.05 -20.98
N PRO A 335 -9.96 40.12 -21.45
CA PRO A 335 -8.55 40.05 -21.81
C PRO A 335 -7.61 39.99 -20.62
N HIS A 336 -8.11 40.18 -19.39
CA HIS A 336 -7.28 40.23 -18.20
C HIS A 336 -6.84 38.86 -17.71
N LEU A 337 -7.34 37.78 -18.31
CA LEU A 337 -6.96 36.45 -17.86
C LEU A 337 -5.46 36.24 -18.07
N PRO A 338 -4.76 35.69 -17.08
CA PRO A 338 -3.32 35.48 -17.24
C PRO A 338 -3.01 34.33 -18.19
N CYS A 339 -1.87 34.45 -18.86
CA CYS A 339 -1.36 33.37 -19.70
C CYS A 339 -0.38 32.52 -18.90
N LEU A 340 -0.04 31.36 -19.46
CA LEU A 340 0.87 30.42 -18.82
C LEU A 340 2.22 30.42 -19.53
N GLN A 341 3.29 30.51 -18.75
CA GLN A 341 4.64 30.51 -19.30
C GLN A 341 4.96 29.14 -19.85
N VAL A 342 5.05 29.04 -21.17
CA VAL A 342 5.18 27.76 -21.86
C VAL A 342 6.00 27.96 -23.12
N GLY A 343 6.49 26.85 -23.69
CA GLY A 343 7.16 26.90 -24.97
C GLY A 343 8.54 27.52 -24.96
N GLN A 344 9.53 26.81 -24.41
CA GLN A 344 10.91 27.29 -24.33
C GLN A 344 11.00 28.58 -23.52
N GLU A 345 10.71 28.43 -22.23
CA GLU A 345 10.71 29.54 -21.27
C GLU A 345 12.00 30.34 -21.35
N GLN A 346 13.13 29.67 -21.54
CA GLN A 346 14.39 30.37 -21.77
C GLN A 346 14.34 31.21 -23.03
N LYS A 347 13.79 30.66 -24.12
CA LYS A 347 13.61 31.42 -25.35
C LYS A 347 12.46 32.43 -25.25
N HIS A 348 11.53 32.22 -24.33
CA HIS A 348 10.40 33.12 -24.09
C HIS A 348 9.55 33.28 -25.34
N THR A 349 9.07 32.14 -25.84
CA THR A 349 8.14 32.08 -26.96
C THR A 349 6.77 31.72 -26.40
N TYR A 350 5.97 32.74 -26.08
CA TYR A 350 4.70 32.54 -25.42
C TYR A 350 3.68 31.94 -26.38
N LEU A 351 2.63 31.34 -25.80
CA LEU A 351 1.58 30.68 -26.56
C LEU A 351 0.23 31.12 -26.00
N PRO A 352 -0.76 31.32 -26.86
CA PRO A 352 -2.09 31.70 -26.38
C PRO A 352 -2.80 30.51 -25.73
N LEU A 353 -3.96 30.80 -25.16
CA LEU A 353 -4.78 29.76 -24.53
C LEU A 353 -6.26 29.86 -24.92
N GLU A 354 -6.60 30.72 -25.89
CA GLU A 354 -7.99 30.78 -26.34
C GLU A 354 -8.44 29.47 -26.94
N VAL A 355 -7.59 28.84 -27.75
CA VAL A 355 -7.85 27.52 -28.32
C VAL A 355 -6.71 26.62 -27.90
N CYS A 356 -6.99 25.68 -27.00
CA CYS A 356 -5.98 24.75 -26.51
C CYS A 356 -6.66 23.45 -26.11
N ASN A 357 -5.87 22.38 -26.06
CA ASN A 357 -6.37 21.06 -25.70
C ASN A 357 -5.32 20.36 -24.86
N ILE A 358 -5.56 19.08 -24.57
CA ILE A 358 -4.67 18.27 -23.75
C ILE A 358 -4.56 16.89 -24.39
N VAL A 359 -3.48 16.18 -24.07
CA VAL A 359 -3.23 14.84 -24.59
C VAL A 359 -4.10 13.82 -23.87
N ALA A 360 -4.19 12.61 -24.41
CA ALA A 360 -5.03 11.56 -23.87
C ALA A 360 -4.22 10.35 -23.43
N GLY A 361 -3.06 10.58 -22.82
CA GLY A 361 -2.28 9.47 -22.31
C GLY A 361 -1.56 9.78 -21.00
N GLN A 362 -2.00 10.84 -20.32
CA GLN A 362 -1.26 11.38 -19.19
C GLN A 362 -1.79 10.80 -17.88
N ARG A 363 -0.87 10.28 -17.08
CA ARG A 363 -1.20 9.70 -15.77
C ARG A 363 -0.24 10.26 -14.74
N CYS A 364 -0.77 11.00 -13.77
CA CYS A 364 0.05 11.60 -12.73
C CYS A 364 -0.56 11.31 -11.36
N ILE A 365 0.31 11.20 -10.35
CA ILE A 365 -0.15 10.89 -9.00
C ILE A 365 -0.81 12.11 -8.36
N LYS A 366 -0.05 13.18 -8.20
CA LYS A 366 -0.55 14.43 -7.63
C LYS A 366 -1.26 14.20 -6.30
N LYS A 367 -2.58 14.41 -6.28
CA LYS A 367 -3.36 14.25 -5.07
C LYS A 367 -4.67 13.55 -5.40
N LEU A 368 -5.14 12.73 -4.46
CA LEU A 368 -6.43 12.05 -4.58
C LEU A 368 -7.25 12.36 -3.34
N THR A 369 -8.50 12.78 -3.53
CA THR A 369 -9.37 13.16 -2.43
C THR A 369 -10.28 12.00 -2.04
N ASP A 370 -11.02 12.18 -0.93
CA ASP A 370 -11.85 11.10 -0.42
C ASP A 370 -13.07 10.85 -1.30
N ASN A 371 -13.71 11.93 -1.77
CA ASN A 371 -14.89 11.75 -2.60
C ASN A 371 -14.55 11.04 -3.91
N GLN A 372 -13.45 11.45 -4.55
CA GLN A 372 -13.02 10.77 -5.77
C GLN A 372 -12.65 9.32 -5.49
N THR A 373 -12.02 9.06 -4.35
CA THR A 373 -11.69 7.68 -3.99
C THR A 373 -12.95 6.84 -3.85
N SER A 374 -13.96 7.36 -3.16
CA SER A 374 -15.20 6.62 -2.99
C SER A 374 -15.90 6.39 -4.32
N THR A 375 -15.90 7.40 -5.20
CA THR A 375 -16.49 7.24 -6.51
C THR A 375 -15.77 6.15 -7.30
N MET A 376 -14.44 6.13 -7.25
CA MET A 376 -13.69 5.10 -7.97
C MET A 376 -13.97 3.72 -7.40
N ILE A 377 -14.07 3.60 -6.07
CA ILE A 377 -14.43 2.31 -5.46
C ILE A 377 -15.79 1.84 -5.97
N LYS A 378 -16.76 2.75 -6.00
CA LYS A 378 -18.08 2.37 -6.50
C LYS A 378 -18.02 2.00 -7.99
N ALA A 379 -17.13 2.62 -8.75
CA ALA A 379 -17.05 2.38 -10.18
C ALA A 379 -16.30 1.11 -10.55
N THR A 380 -15.40 0.61 -9.69
CA THR A 380 -14.59 -0.55 -10.06
C THR A 380 -14.92 -1.81 -9.27
N ALA A 381 -15.68 -1.71 -8.18
CA ALA A 381 -15.96 -2.89 -7.37
C ALA A 381 -16.95 -3.82 -8.06
N ARG A 382 -16.69 -5.12 -7.97
CA ARG A 382 -17.58 -6.13 -8.53
C ARG A 382 -17.30 -7.46 -7.86
N SER A 383 -18.31 -8.31 -7.84
CA SER A 383 -18.25 -9.57 -7.11
C SER A 383 -17.25 -10.53 -7.76
N ALA A 384 -16.98 -11.63 -7.07
CA ALA A 384 -16.01 -12.61 -7.57
C ALA A 384 -16.44 -13.28 -8.87
N PRO A 385 -17.65 -13.83 -9.00
CA PRO A 385 -17.98 -14.53 -10.25
C PRO A 385 -17.89 -13.65 -11.49
N ASP A 386 -18.28 -12.38 -11.38
CA ASP A 386 -18.15 -11.48 -12.52
C ASP A 386 -16.69 -11.29 -12.91
N ARG A 387 -15.81 -11.16 -11.92
CA ARG A 387 -14.39 -11.02 -12.21
C ARG A 387 -13.85 -12.27 -12.88
N GLN A 388 -14.26 -13.44 -12.42
CA GLN A 388 -13.80 -14.69 -13.04
C GLN A 388 -14.24 -14.76 -14.50
N GLU A 389 -15.51 -14.45 -14.77
CA GLU A 389 -16.00 -14.50 -16.14
C GLU A 389 -15.27 -13.49 -17.02
N GLU A 390 -15.01 -12.29 -16.50
CA GLU A 390 -14.30 -11.31 -17.31
C GLU A 390 -12.87 -11.74 -17.61
N ILE A 391 -12.19 -12.34 -16.63
CA ILE A 391 -10.83 -12.83 -16.88
C ILE A 391 -10.84 -13.89 -17.96
N SER A 392 -11.77 -14.85 -17.87
CA SER A 392 -11.82 -15.90 -18.87
C SER A 392 -12.15 -15.35 -20.25
N ARG A 393 -13.08 -14.40 -20.32
CA ARG A 393 -13.43 -13.80 -21.61
C ARG A 393 -12.26 -13.07 -22.22
N LEU A 394 -11.51 -12.32 -21.41
CA LEU A 394 -10.33 -11.63 -21.91
C LEU A 394 -9.28 -12.61 -22.42
N MET A 395 -9.05 -13.70 -21.69
CA MET A 395 -8.08 -14.70 -22.14
C MET A 395 -8.51 -15.34 -23.45
N LYS A 396 -9.81 -15.63 -23.60
CA LYS A 396 -10.31 -16.19 -24.85
C LYS A 396 -10.13 -15.20 -25.99
N ASN A 397 -10.37 -13.91 -25.72
CA ASN A 397 -10.27 -12.89 -26.77
C ASN A 397 -8.83 -12.63 -27.19
N ALA A 398 -7.86 -12.81 -26.29
CA ALA A 398 -6.48 -12.46 -26.61
C ALA A 398 -5.96 -13.26 -27.81
N SER A 399 -6.25 -14.56 -27.86
CA SER A 399 -5.83 -15.44 -28.95
C SER A 399 -4.31 -15.44 -29.12
N TYR A 400 -3.64 -15.94 -28.08
CA TYR A 400 -2.19 -15.98 -28.07
C TYR A 400 -1.60 -16.96 -29.09
N ASN A 401 -2.41 -17.86 -29.64
CA ASN A 401 -1.89 -18.88 -30.55
C ASN A 401 -1.86 -18.44 -32.01
N LEU A 402 -2.25 -17.20 -32.30
CA LEU A 402 -2.14 -16.64 -33.65
C LEU A 402 -1.15 -15.50 -33.72
N ASP A 403 -0.35 -15.31 -32.67
CA ASP A 403 0.65 -14.25 -32.66
C ASP A 403 1.84 -14.66 -33.52
N PRO A 404 2.20 -13.90 -34.56
CA PRO A 404 3.36 -14.27 -35.37
C PRO A 404 4.67 -14.34 -34.60
N TYR A 405 4.87 -13.42 -33.64
CA TYR A 405 6.14 -13.38 -32.91
C TYR A 405 6.26 -14.56 -31.95
N ILE A 406 5.14 -14.95 -31.31
CA ILE A 406 5.16 -16.14 -30.46
C ILE A 406 5.34 -17.39 -31.31
N GLN A 407 4.73 -17.42 -32.49
CA GLN A 407 4.86 -18.59 -33.36
C GLN A 407 6.28 -18.75 -33.88
N GLU A 408 6.98 -17.63 -34.11
CA GLU A 408 8.36 -17.70 -34.60
C GLU A 408 9.25 -18.44 -33.62
N PHE A 409 9.14 -18.13 -32.33
CA PHE A 409 9.92 -18.81 -31.30
C PHE A 409 9.38 -20.20 -31.00
N GLY A 410 8.12 -20.47 -31.34
CA GLY A 410 7.52 -21.77 -31.09
C GLY A 410 7.07 -21.97 -29.66
N ILE A 411 6.13 -21.16 -29.21
CA ILE A 411 5.64 -21.21 -27.83
C ILE A 411 4.14 -21.48 -27.86
N LYS A 412 3.70 -22.45 -27.07
CA LYS A 412 2.30 -22.83 -26.96
C LYS A 412 1.79 -22.53 -25.56
N VAL A 413 0.59 -21.95 -25.48
CA VAL A 413 -0.02 -21.51 -24.23
C VAL A 413 -1.38 -22.16 -24.07
N LYS A 414 -1.70 -22.57 -22.84
CA LYS A 414 -3.02 -23.10 -22.54
C LYS A 414 -4.05 -21.97 -22.48
N ASP A 415 -5.31 -22.34 -22.24
CA ASP A 415 -6.38 -21.36 -22.17
C ASP A 415 -7.38 -21.68 -21.06
N ASP A 416 -6.93 -22.33 -19.99
CA ASP A 416 -7.79 -22.68 -18.86
C ASP A 416 -7.08 -22.37 -17.55
N MET A 417 -7.88 -22.10 -16.52
CA MET A 417 -7.34 -21.76 -15.22
C MET A 417 -6.77 -22.99 -14.54
N THR A 418 -5.81 -22.76 -13.64
CA THR A 418 -5.10 -23.83 -12.98
C THR A 418 -5.85 -24.30 -11.74
N GLU A 419 -5.88 -25.60 -11.52
CA GLU A 419 -6.60 -26.21 -10.41
C GLU A 419 -5.64 -26.52 -9.28
N VAL A 420 -5.85 -25.89 -8.13
CA VAL A 420 -5.04 -26.12 -6.94
C VAL A 420 -5.94 -26.70 -5.85
N THR A 421 -5.31 -27.21 -4.80
CA THR A 421 -6.02 -27.77 -3.65
C THR A 421 -5.49 -27.13 -2.39
N GLY A 422 -6.40 -26.59 -1.57
CA GLY A 422 -6.03 -25.92 -0.34
C GLY A 422 -6.61 -26.62 0.88
N ARG A 423 -6.38 -25.99 2.03
CA ARG A 423 -6.86 -26.50 3.31
C ARG A 423 -7.42 -25.36 4.12
N VAL A 424 -8.35 -25.69 5.02
CA VAL A 424 -8.98 -24.70 5.89
C VAL A 424 -8.57 -25.01 7.33
N LEU A 425 -7.87 -24.06 7.95
CA LEU A 425 -7.30 -24.26 9.27
C LEU A 425 -8.36 -24.05 10.37
N PRO A 426 -8.22 -24.75 11.50
CA PRO A 426 -9.16 -24.53 12.60
C PRO A 426 -8.93 -23.17 13.27
N ALA A 427 -10.00 -22.64 13.90
CA ALA A 427 -9.97 -21.34 14.53
C ALA A 427 -9.86 -21.46 16.05
N PRO A 428 -9.14 -20.55 16.70
CA PRO A 428 -8.96 -20.63 18.15
C PRO A 428 -10.19 -20.14 18.89
N ILE A 429 -10.12 -20.21 20.22
CA ILE A 429 -11.18 -19.74 21.11
C ILE A 429 -10.60 -18.72 22.07
N LEU A 430 -11.32 -17.63 22.27
CA LEU A 430 -10.86 -16.52 23.09
C LEU A 430 -11.54 -16.54 24.45
N GLN A 431 -10.75 -16.29 25.50
CA GLN A 431 -11.23 -16.39 26.87
C GLN A 431 -11.47 -14.98 27.43
N TYR A 432 -12.69 -14.74 27.89
CA TYR A 432 -13.05 -13.49 28.54
C TYR A 432 -12.97 -13.69 30.05
N GLY A 433 -13.41 -12.68 30.81
CA GLY A 433 -13.34 -12.71 32.25
C GLY A 433 -14.66 -12.33 32.89
N GLY A 434 -14.55 -11.69 34.04
CA GLY A 434 -15.73 -11.24 34.76
C GLY A 434 -16.23 -12.26 35.76
N ARG A 435 -17.50 -12.10 36.11
CA ARG A 435 -18.14 -12.99 37.09
C ARG A 435 -18.48 -14.35 36.51
N ASN A 436 -18.70 -14.44 35.20
CA ASN A 436 -19.08 -15.69 34.57
C ASN A 436 -17.92 -16.42 33.90
N ARG A 437 -16.89 -15.71 33.46
CA ARG A 437 -15.75 -16.27 32.74
C ARG A 437 -16.22 -16.98 31.46
N ALA A 438 -16.83 -16.19 30.58
CA ALA A 438 -17.37 -16.72 29.33
C ALA A 438 -16.25 -17.03 28.34
N ILE A 439 -16.62 -17.74 27.27
CA ILE A 439 -15.71 -18.11 26.20
C ILE A 439 -16.40 -17.84 24.88
N ALA A 440 -15.68 -17.21 23.94
CA ALA A 440 -16.22 -16.84 22.64
C ALA A 440 -15.56 -17.67 21.56
N THR A 441 -16.37 -18.22 20.66
CA THR A 441 -15.88 -19.01 19.53
C THR A 441 -16.19 -18.30 18.23
N PRO A 442 -15.19 -17.87 17.46
CA PRO A 442 -15.47 -17.19 16.19
C PRO A 442 -16.20 -18.09 15.21
N ASN A 443 -17.11 -17.48 14.45
CA ASN A 443 -17.87 -18.18 13.43
C ASN A 443 -17.83 -17.37 12.14
N GLN A 444 -17.19 -17.92 11.12
CA GLN A 444 -16.96 -17.22 9.86
C GLN A 444 -16.17 -15.92 10.08
N GLY A 445 -15.20 -15.98 10.98
CA GLY A 445 -14.32 -14.85 11.25
C GLY A 445 -14.98 -13.64 11.89
N VAL A 446 -15.90 -13.87 12.82
CA VAL A 446 -16.55 -12.77 13.53
C VAL A 446 -17.21 -13.35 14.78
N TRP A 447 -17.29 -12.54 15.84
CA TRP A 447 -17.96 -12.93 17.07
C TRP A 447 -18.40 -11.67 17.79
N ASP A 448 -19.30 -11.84 18.76
CA ASP A 448 -19.88 -10.73 19.48
C ASP A 448 -19.53 -10.79 20.96
N MET A 449 -19.67 -9.64 21.63
CA MET A 449 -19.27 -9.48 23.02
C MET A 449 -20.45 -9.34 23.98
N ARG A 450 -21.65 -9.04 23.48
CA ARG A 450 -22.80 -8.81 24.33
C ARG A 450 -23.04 -9.99 25.27
N GLY A 451 -23.00 -9.70 26.57
CA GLY A 451 -23.12 -10.73 27.58
C GLY A 451 -21.82 -11.18 28.21
N LYS A 452 -20.71 -10.50 27.94
CA LYS A 452 -19.40 -10.86 28.47
C LYS A 452 -18.70 -9.63 29.03
N GLN A 453 -18.04 -9.80 30.17
CA GLN A 453 -17.29 -8.73 30.79
C GLN A 453 -15.84 -8.73 30.28
N PHE A 454 -15.14 -7.63 30.53
CA PHE A 454 -13.74 -7.54 30.14
C PHE A 454 -12.89 -8.47 31.01
N TYR A 455 -11.70 -8.81 30.49
CA TYR A 455 -10.76 -9.60 31.28
C TYR A 455 -10.25 -8.81 32.48
N ASN A 456 -9.99 -7.51 32.29
CA ASN A 456 -9.47 -6.68 33.37
C ASN A 456 -9.96 -5.26 33.12
N GLY A 457 -11.05 -4.88 33.78
CA GLY A 457 -11.60 -3.55 33.61
C GLY A 457 -10.94 -2.52 34.51
N ILE A 458 -11.04 -1.26 34.11
CA ILE A 458 -10.46 -0.14 34.84
C ILE A 458 -11.59 0.79 35.26
N GLU A 459 -11.63 1.13 36.54
CA GLU A 459 -12.65 2.02 37.07
C GLU A 459 -12.26 3.47 36.84
N ILE A 460 -13.19 4.25 36.28
CA ILE A 460 -12.97 5.65 35.97
C ILE A 460 -13.69 6.50 36.99
N LYS A 461 -12.96 7.40 37.64
CA LYS A 461 -13.52 8.25 38.69
C LYS A 461 -13.54 9.72 38.34
N VAL A 462 -12.54 10.23 37.62
CA VAL A 462 -12.47 11.63 37.22
C VAL A 462 -12.37 11.68 35.70
N TRP A 463 -13.15 12.55 35.08
CA TRP A 463 -13.13 12.74 33.64
C TRP A 463 -13.76 14.08 33.31
N ALA A 464 -13.42 14.60 32.12
CA ALA A 464 -13.86 15.93 31.69
C ALA A 464 -14.38 15.87 30.28
N ILE A 465 -15.10 16.91 29.87
CA ILE A 465 -15.68 17.02 28.54
C ILE A 465 -15.33 18.41 27.99
N ALA A 466 -14.80 18.43 26.76
CA ALA A 466 -14.52 19.68 26.07
C ALA A 466 -15.17 19.65 24.70
N CYS A 467 -15.93 20.69 24.38
CA CYS A 467 -16.70 20.75 23.13
C CYS A 467 -16.16 21.85 22.25
N PHE A 468 -15.84 21.51 21.00
CA PHE A 468 -15.37 22.46 20.01
C PHE A 468 -16.39 22.74 18.91
N ALA A 469 -17.57 22.15 19.00
CA ALA A 469 -18.66 22.39 18.07
C ALA A 469 -19.41 23.65 18.44
N PRO A 470 -20.12 24.26 17.49
CA PRO A 470 -20.88 25.48 17.80
C PRO A 470 -22.02 25.20 18.77
N GLN A 471 -22.48 26.26 19.45
CA GLN A 471 -23.54 26.12 20.43
C GLN A 471 -24.86 25.69 19.80
N LYS A 472 -25.13 26.13 18.57
CA LYS A 472 -26.42 25.86 17.95
C LYS A 472 -26.59 24.39 17.57
N GLN A 473 -25.50 23.67 17.31
CA GLN A 473 -25.58 22.30 16.83
C GLN A 473 -25.52 21.27 17.95
N CYS A 474 -25.33 21.69 19.21
CA CYS A 474 -25.22 20.74 20.31
C CYS A 474 -25.63 21.47 21.59
N ARG A 475 -26.83 21.18 22.07
CA ARG A 475 -27.35 21.80 23.27
C ARG A 475 -27.00 20.95 24.49
N GLU A 476 -27.54 21.31 25.66
CA GLU A 476 -27.20 20.58 26.88
C GLU A 476 -27.91 19.23 26.96
N GLU A 477 -29.16 19.17 26.51
CA GLU A 477 -29.95 17.95 26.67
C GLU A 477 -29.38 16.80 25.85
N VAL A 478 -28.91 17.08 24.63
CA VAL A 478 -28.31 16.02 23.82
C VAL A 478 -27.01 15.54 24.46
N LEU A 479 -26.24 16.45 25.05
CA LEU A 479 -25.04 16.03 25.77
C LEU A 479 -25.38 15.13 26.94
N LYS A 480 -26.42 15.48 27.71
CA LYS A 480 -26.80 14.64 28.84
C LYS A 480 -27.26 13.27 28.38
N ASN A 481 -28.03 13.22 27.28
CA ASN A 481 -28.48 11.93 26.75
C ASN A 481 -27.30 11.07 26.31
N PHE A 482 -26.36 11.66 25.59
CA PHE A 482 -25.19 10.91 25.15
C PHE A 482 -24.38 10.40 26.34
N THR A 483 -24.19 11.25 27.34
CA THR A 483 -23.45 10.84 28.53
C THR A 483 -24.15 9.70 29.25
N ASP A 484 -25.48 9.77 29.38
CA ASP A 484 -26.23 8.73 30.06
C ASP A 484 -26.10 7.40 29.31
N GLN A 485 -26.25 7.44 27.99
CA GLN A 485 -26.13 6.21 27.20
C GLN A 485 -24.74 5.60 27.33
N LEU A 486 -23.70 6.44 27.23
CA LEU A 486 -22.33 5.93 27.36
C LEU A 486 -22.11 5.33 28.74
N ARG A 487 -22.60 5.99 29.78
CA ARG A 487 -22.43 5.46 31.14
C ARG A 487 -23.10 4.11 31.28
N LYS A 488 -24.33 3.97 30.77
CA LYS A 488 -25.05 2.72 30.89
C LYS A 488 -24.32 1.58 30.17
N ILE A 489 -23.93 1.81 28.91
CA ILE A 489 -23.27 0.75 28.16
C ILE A 489 -21.92 0.39 28.78
N SER A 490 -21.15 1.41 29.20
CA SER A 490 -19.85 1.14 29.81
C SER A 490 -20.00 0.34 31.10
N LYS A 491 -20.98 0.69 31.93
CA LYS A 491 -21.20 -0.08 33.15
C LYS A 491 -21.62 -1.51 32.84
N ASP A 492 -22.39 -1.71 31.76
CA ASP A 492 -22.78 -3.06 31.39
C ASP A 492 -21.57 -3.91 30.97
N ALA A 493 -20.63 -3.31 30.24
CA ALA A 493 -19.53 -4.07 29.66
C ALA A 493 -18.47 -4.49 30.67
N GLY A 494 -18.46 -3.92 31.87
CA GLY A 494 -17.51 -4.29 32.90
C GLY A 494 -16.53 -3.20 33.29
N MET A 495 -16.51 -2.07 32.59
CA MET A 495 -15.66 -0.94 32.94
C MET A 495 -16.57 0.21 33.35
N PRO A 496 -16.77 0.44 34.65
CA PRO A 496 -17.80 1.41 35.08
C PRO A 496 -17.27 2.83 35.10
N ILE A 497 -18.04 3.75 34.53
CA ILE A 497 -17.76 5.18 34.59
C ILE A 497 -18.57 5.74 35.75
N GLN A 498 -17.89 6.22 36.78
CA GLN A 498 -18.55 6.64 38.01
C GLN A 498 -18.79 8.13 38.02
N GLY A 499 -20.01 8.52 38.39
CA GLY A 499 -20.33 9.90 38.65
C GLY A 499 -20.49 10.74 37.39
N GLN A 500 -20.68 12.04 37.64
CA GLN A 500 -20.86 13.19 36.77
C GLN A 500 -19.51 13.76 36.34
N PRO A 501 -19.42 14.33 35.14
CA PRO A 501 -18.16 14.96 34.73
C PRO A 501 -17.84 16.16 35.61
N CYS A 502 -16.55 16.41 35.80
CA CYS A 502 -16.08 17.54 36.59
C CYS A 502 -15.84 18.79 35.75
N PHE A 503 -16.16 18.76 34.46
CA PHE A 503 -15.90 19.88 33.58
C PHE A 503 -16.71 19.70 32.31
N CYS A 504 -17.29 20.79 31.81
CA CYS A 504 -17.99 20.78 30.54
C CYS A 504 -18.12 22.22 30.06
N LYS A 505 -17.47 22.55 28.94
CA LYS A 505 -17.44 23.91 28.44
C LYS A 505 -17.41 23.90 26.93
N TYR A 506 -17.25 25.08 26.34
CA TYR A 506 -17.16 25.25 24.89
C TYR A 506 -15.94 26.10 24.56
N ALA A 507 -15.42 25.90 23.34
CA ALA A 507 -14.26 26.65 22.88
C ALA A 507 -14.36 26.83 21.38
N GLN A 508 -13.39 27.54 20.81
CA GLN A 508 -13.37 27.81 19.38
C GLN A 508 -11.94 28.09 18.94
N GLY A 509 -11.55 27.53 17.79
CA GLY A 509 -10.26 27.80 17.21
C GLY A 509 -9.21 26.78 17.63
N ALA A 510 -8.13 26.73 16.85
CA ALA A 510 -7.03 25.82 17.11
C ALA A 510 -6.00 26.37 18.09
N ASP A 511 -6.08 27.65 18.44
CA ASP A 511 -5.09 28.28 19.30
C ASP A 511 -5.51 28.32 20.76
N SER A 512 -6.60 27.65 21.14
CA SER A 512 -7.08 27.65 22.50
C SER A 512 -6.90 26.31 23.21
N VAL A 513 -6.31 25.32 22.53
CA VAL A 513 -6.19 24.00 23.13
C VAL A 513 -5.18 24.00 24.27
N GLU A 514 -4.03 24.63 24.07
CA GLU A 514 -2.95 24.53 25.05
C GLU A 514 -3.31 25.11 26.42
N PRO A 515 -3.78 26.36 26.54
CA PRO A 515 -4.11 26.88 27.89
C PRO A 515 -5.21 26.10 28.58
N MET A 516 -6.20 25.62 27.83
CA MET A 516 -7.28 24.85 28.41
C MET A 516 -6.76 23.56 29.05
N PHE A 517 -5.95 22.81 28.29
CA PHE A 517 -5.39 21.57 28.82
C PHE A 517 -4.45 21.82 29.99
N ARG A 518 -3.67 22.91 29.90
CA ARG A 518 -2.76 23.23 31.01
C ARG A 518 -3.53 23.54 32.29
N HIS A 519 -4.62 24.33 32.17
CA HIS A 519 -5.44 24.63 33.33
C HIS A 519 -6.08 23.37 33.90
N LEU A 520 -6.59 22.50 33.02
CA LEU A 520 -7.19 21.26 33.50
C LEU A 520 -6.18 20.39 34.23
N LYS A 521 -4.95 20.31 33.72
CA LYS A 521 -3.92 19.54 34.39
C LYS A 521 -3.54 20.16 35.73
N ASN A 522 -3.48 21.49 35.80
CA ASN A 522 -3.05 22.15 37.02
C ASN A 522 -4.09 22.03 38.12
N THR A 523 -5.38 22.12 37.77
CA THR A 523 -6.42 22.19 38.79
C THR A 523 -6.74 20.83 39.38
N TYR A 524 -7.16 19.88 38.55
CA TYR A 524 -7.62 18.57 39.01
C TYR A 524 -6.44 17.60 39.03
N SER A 525 -6.16 17.04 40.20
CA SER A 525 -4.95 16.23 40.36
C SER A 525 -5.11 14.87 39.70
N GLY A 526 -6.26 14.23 39.87
CA GLY A 526 -6.43 12.85 39.44
C GLY A 526 -7.20 12.67 38.15
N LEU A 527 -6.94 13.52 37.16
CA LEU A 527 -7.60 13.39 35.88
C LEU A 527 -7.21 12.08 35.21
N GLN A 528 -8.17 11.43 34.57
CA GLN A 528 -7.95 10.14 33.92
C GLN A 528 -8.26 10.12 32.44
N LEU A 529 -9.22 10.91 31.97
CA LEU A 529 -9.65 10.85 30.58
C LEU A 529 -10.29 12.18 30.20
N ILE A 530 -10.07 12.59 28.95
CA ILE A 530 -10.69 13.78 28.39
C ILE A 530 -11.33 13.41 27.06
N ILE A 531 -12.55 13.87 26.84
CA ILE A 531 -13.30 13.59 25.61
C ILE A 531 -13.48 14.90 24.85
N VAL A 532 -13.13 14.88 23.56
CA VAL A 532 -13.16 16.06 22.71
C VAL A 532 -14.15 15.80 21.57
N ILE A 533 -15.00 16.79 21.30
CA ILE A 533 -16.00 16.69 20.25
C ILE A 533 -15.61 17.66 19.14
N LEU A 534 -15.46 17.14 17.92
CA LEU A 534 -14.94 17.92 16.80
C LEU A 534 -16.03 18.21 15.77
N PRO A 535 -15.97 19.36 15.11
CA PRO A 535 -16.98 19.72 14.08
C PRO A 535 -16.59 19.25 12.68
N GLY A 536 -16.70 17.94 12.45
CA GLY A 536 -16.37 17.41 11.15
C GLY A 536 -14.86 17.36 10.91
N LYS A 537 -14.47 17.60 9.67
CA LYS A 537 -13.05 17.64 9.31
C LYS A 537 -12.50 19.01 9.65
N THR A 538 -11.65 19.07 10.68
CA THR A 538 -11.16 20.32 11.23
C THR A 538 -9.65 20.23 11.43
N PRO A 539 -8.95 21.36 11.39
CA PRO A 539 -7.50 21.34 11.63
C PRO A 539 -7.08 21.21 13.09
N VAL A 540 -8.02 21.20 14.04
CA VAL A 540 -7.63 21.17 15.45
C VAL A 540 -7.32 19.77 15.95
N TYR A 541 -7.62 18.73 15.17
CA TYR A 541 -7.33 17.37 15.60
C TYR A 541 -5.83 17.16 15.77
N ALA A 542 -5.04 17.61 14.79
CA ALA A 542 -3.60 17.46 14.88
C ALA A 542 -3.03 18.22 16.06
N GLU A 543 -3.54 19.43 16.31
CA GLU A 543 -3.07 20.21 17.45
C GLU A 543 -3.41 19.51 18.77
N VAL A 544 -4.62 18.96 18.87
CA VAL A 544 -5.02 18.25 20.08
C VAL A 544 -4.10 17.06 20.32
N LYS A 545 -3.83 16.29 19.27
CA LYS A 545 -2.96 15.13 19.43
C LYS A 545 -1.55 15.54 19.83
N ARG A 546 -1.02 16.60 19.21
CA ARG A 546 0.33 17.04 19.53
C ARG A 546 0.43 17.53 20.96
N VAL A 547 -0.57 18.27 21.44
CA VAL A 547 -0.53 18.77 22.82
C VAL A 547 -0.68 17.63 23.80
N GLY A 548 -1.56 16.67 23.51
CA GLY A 548 -1.75 15.56 24.42
C GLY A 548 -0.54 14.66 24.53
N ASP A 549 0.09 14.32 23.41
CA ASP A 549 1.13 13.29 23.41
C ASP A 549 2.50 13.85 23.83
N THR A 550 3.02 14.81 23.08
CA THR A 550 4.41 15.20 23.19
C THR A 550 4.67 16.31 24.20
N LEU A 551 3.65 16.90 24.80
CA LEU A 551 3.83 18.06 25.67
C LEU A 551 3.45 17.80 27.12
N LEU A 552 2.22 17.32 27.37
CA LEU A 552 1.73 17.20 28.74
C LEU A 552 1.44 15.78 29.19
N GLY A 553 1.21 14.84 28.26
CA GLY A 553 1.03 13.46 28.64
C GLY A 553 -0.29 13.16 29.33
N MET A 554 -1.40 13.32 28.62
CA MET A 554 -2.72 12.98 29.13
C MET A 554 -3.49 12.21 28.06
N ALA A 555 -4.35 11.31 28.51
CA ALA A 555 -5.14 10.50 27.59
C ALA A 555 -6.30 11.30 27.03
N THR A 556 -6.60 11.08 25.75
CA THR A 556 -7.68 11.78 25.07
C THR A 556 -8.45 10.82 24.19
N GLN A 557 -9.69 11.18 23.89
CA GLN A 557 -10.52 10.45 22.94
C GLN A 557 -11.35 11.45 22.16
N CYS A 558 -11.48 11.22 20.85
CA CYS A 558 -12.18 12.13 19.95
C CYS A 558 -13.40 11.45 19.35
N VAL A 559 -14.40 12.26 19.02
CA VAL A 559 -15.63 11.77 18.40
C VAL A 559 -16.29 12.93 17.69
N GLN A 560 -17.00 12.64 16.61
CA GLN A 560 -17.63 13.66 15.79
C GLN A 560 -19.06 13.94 16.26
N VAL A 561 -19.60 15.07 15.80
CA VAL A 561 -20.93 15.50 16.24
C VAL A 561 -22.02 14.62 15.67
N LYS A 562 -21.84 14.12 14.44
CA LYS A 562 -22.88 13.30 13.82
C LYS A 562 -23.09 11.98 14.54
N ASN A 563 -22.13 11.53 15.34
CA ASN A 563 -22.31 10.36 16.19
C ASN A 563 -22.80 10.71 17.59
N VAL A 564 -22.96 12.00 17.88
CA VAL A 564 -23.51 12.46 19.15
C VAL A 564 -24.99 12.83 18.99
N VAL A 565 -25.34 13.47 17.89
CA VAL A 565 -26.75 13.81 17.64
C VAL A 565 -27.58 12.54 17.53
N LYS A 566 -27.07 11.54 16.82
CA LYS A 566 -27.70 10.23 16.73
C LYS A 566 -26.83 9.19 17.42
N THR A 567 -27.47 8.19 18.02
CA THR A 567 -26.79 7.22 18.86
C THR A 567 -27.08 5.80 18.38
N SER A 568 -26.04 4.97 18.35
CA SER A 568 -26.18 3.56 18.03
C SER A 568 -25.35 2.74 19.02
N PRO A 569 -25.84 1.58 19.44
CA PRO A 569 -25.09 0.79 20.43
C PRO A 569 -23.72 0.33 19.97
N GLN A 570 -23.54 0.04 18.69
CA GLN A 570 -22.25 -0.48 18.24
C GLN A 570 -21.17 0.58 18.31
N THR A 571 -21.51 1.83 18.00
CA THR A 571 -20.54 2.92 18.12
C THR A 571 -20.03 3.04 19.54
N LEU A 572 -20.93 3.02 20.52
CA LEU A 572 -20.53 3.17 21.91
C LEU A 572 -19.76 1.95 22.38
N SER A 573 -20.12 0.75 21.90
CA SER A 573 -19.35 -0.43 22.26
C SER A 573 -17.91 -0.34 21.75
N ASN A 574 -17.73 0.11 20.51
CA ASN A 574 -16.38 0.28 19.99
C ASN A 574 -15.61 1.35 20.76
N LEU A 575 -16.31 2.43 21.13
CA LEU A 575 -15.67 3.48 21.92
C LEU A 575 -15.17 2.94 23.25
N CYS A 576 -15.98 2.11 23.92
CA CYS A 576 -15.54 1.50 25.16
C CYS A 576 -14.35 0.57 24.93
N LEU A 577 -14.38 -0.17 23.82
CA LEU A 577 -13.27 -1.06 23.49
C LEU A 577 -11.96 -0.29 23.40
N LYS A 578 -11.98 0.88 22.76
CA LYS A 578 -10.76 1.69 22.67
C LYS A 578 -10.39 2.32 24.01
N ILE A 579 -11.39 2.86 24.72
CA ILE A 579 -11.13 3.58 25.96
C ILE A 579 -10.47 2.67 26.99
N ASN A 580 -10.94 1.44 27.12
CA ASN A 580 -10.42 0.57 28.17
C ASN A 580 -8.93 0.30 27.98
N VAL A 581 -8.50 0.05 26.75
CA VAL A 581 -7.09 -0.27 26.53
C VAL A 581 -6.23 0.99 26.50
N LYS A 582 -6.80 2.16 26.20
CA LYS A 582 -6.01 3.39 26.31
C LYS A 582 -5.62 3.70 27.74
N LEU A 583 -6.38 3.21 28.73
CA LEU A 583 -6.10 3.48 30.13
C LEU A 583 -5.19 2.45 30.78
N GLY A 584 -5.02 1.28 30.18
CA GLY A 584 -4.14 0.28 30.75
C GLY A 584 -4.81 -1.02 31.15
N GLY A 585 -5.86 -1.41 30.43
CA GLY A 585 -6.57 -2.63 30.70
C GLY A 585 -6.27 -3.73 29.67
N ILE A 586 -6.96 -4.85 29.84
CA ILE A 586 -6.84 -6.01 28.96
C ILE A 586 -8.24 -6.48 28.61
N ASN A 587 -8.47 -6.74 27.31
CA ASN A 587 -9.80 -7.12 26.83
C ASN A 587 -10.00 -8.63 26.87
N ASN A 588 -9.16 -9.38 26.16
CA ASN A 588 -9.26 -10.84 26.15
C ASN A 588 -7.88 -11.42 25.88
N ILE A 589 -7.75 -12.71 26.19
CA ILE A 589 -6.51 -13.45 25.94
C ILE A 589 -6.86 -14.80 25.33
N LEU A 590 -5.88 -15.38 24.63
CA LEU A 590 -6.05 -16.73 24.10
C LEU A 590 -5.99 -17.75 25.22
N VAL A 591 -6.72 -18.84 25.06
CA VAL A 591 -6.70 -19.90 26.08
C VAL A 591 -5.30 -20.51 26.13
N PRO A 592 -4.67 -20.57 27.29
CA PRO A 592 -3.24 -20.96 27.34
C PRO A 592 -2.94 -22.34 26.78
N HIS A 593 -3.81 -23.32 26.99
CA HIS A 593 -3.50 -24.68 26.53
C HIS A 593 -3.86 -24.91 25.06
N GLN A 594 -4.60 -23.99 24.44
CA GLN A 594 -4.93 -24.12 23.02
C GLN A 594 -3.75 -23.74 22.13
N ARG A 595 -2.78 -23.00 22.64
CA ARG A 595 -1.71 -22.44 21.82
C ARG A 595 -0.69 -23.52 21.45
N SER A 596 0.39 -23.09 20.81
CA SER A 596 1.43 -23.98 20.34
C SER A 596 2.37 -24.36 21.49
N ALA A 597 3.49 -24.99 21.15
CA ALA A 597 4.51 -25.36 22.13
C ALA A 597 5.70 -24.42 22.15
N VAL A 598 5.61 -23.29 21.45
CA VAL A 598 6.71 -22.34 21.43
C VAL A 598 6.74 -21.46 22.68
N PHE A 599 5.64 -21.44 23.44
CA PHE A 599 5.49 -20.51 24.55
C PHE A 599 6.02 -21.05 25.87
N GLN A 600 6.65 -22.23 25.86
CA GLN A 600 7.21 -22.78 27.09
C GLN A 600 8.36 -21.95 27.65
N GLN A 601 8.97 -21.09 26.84
CA GLN A 601 10.09 -20.26 27.21
C GLN A 601 9.83 -18.84 26.74
N PRO A 602 10.51 -17.84 27.31
CA PRO A 602 10.25 -16.44 26.92
C PRO A 602 10.45 -16.22 25.42
N VAL A 603 9.52 -15.51 24.81
CA VAL A 603 9.52 -15.19 23.39
C VAL A 603 9.09 -13.74 23.22
N ILE A 604 9.70 -13.05 22.26
CA ILE A 604 9.36 -11.67 21.94
C ILE A 604 8.99 -11.57 20.47
N PHE A 605 7.96 -10.78 20.17
CA PHE A 605 7.50 -10.55 18.81
C PHE A 605 7.78 -9.10 18.42
N LEU A 606 8.30 -8.90 17.21
CA LEU A 606 8.64 -7.57 16.72
C LEU A 606 7.98 -7.32 15.38
N GLY A 607 7.94 -6.05 14.99
CA GLY A 607 7.41 -5.66 13.70
C GLY A 607 7.93 -4.31 13.30
N ALA A 608 8.10 -4.11 11.99
CA ALA A 608 8.72 -2.89 11.50
C ALA A 608 8.00 -2.39 10.26
N ASP A 609 8.16 -1.10 9.98
CA ASP A 609 7.55 -0.48 8.81
C ASP A 609 8.28 0.82 8.51
N VAL A 610 8.26 1.22 7.24
CA VAL A 610 8.84 2.48 6.79
C VAL A 610 7.90 3.10 5.75
N THR A 611 7.67 4.40 5.88
CA THR A 611 6.76 5.13 4.99
C THR A 611 7.51 6.28 4.33
N HIS A 612 7.29 6.45 3.02
CA HIS A 612 8.00 7.44 2.24
C HIS A 612 7.09 8.62 1.91
N PRO A 613 7.66 9.82 1.77
CA PRO A 613 6.83 11.01 1.52
C PRO A 613 6.21 10.97 0.14
N PRO A 614 5.09 11.64 -0.07
CA PRO A 614 4.44 11.64 -1.39
C PRO A 614 5.27 12.39 -2.41
N ALA A 615 4.99 12.09 -3.68
CA ALA A 615 5.69 12.75 -4.78
C ALA A 615 5.38 14.23 -4.81
N GLY A 616 6.32 15.01 -5.34
CA GLY A 616 6.21 16.45 -5.34
C GLY A 616 6.91 17.09 -4.16
N ASP A 617 6.63 16.61 -2.95
CA ASP A 617 7.30 17.13 -1.78
C ASP A 617 8.71 16.56 -1.66
N GLY A 618 9.65 17.41 -1.26
CA GLY A 618 11.03 16.98 -1.10
C GLY A 618 11.59 17.30 0.28
N LYS A 619 10.93 18.22 0.98
CA LYS A 619 11.38 18.59 2.32
C LYS A 619 11.00 17.53 3.36
N LYS A 620 9.89 16.84 3.16
CA LYS A 620 9.41 15.87 4.14
C LYS A 620 10.33 14.65 4.16
N PRO A 621 10.80 14.20 5.32
CA PRO A 621 11.65 13.02 5.38
C PRO A 621 10.86 11.73 5.52
N SER A 622 11.55 10.61 5.64
CA SER A 622 10.93 9.31 5.86
C SER A 622 10.81 9.02 7.35
N ILE A 623 9.95 8.06 7.68
CA ILE A 623 9.66 7.73 9.07
C ILE A 623 9.66 6.21 9.22
N THR A 624 10.27 5.72 10.30
CA THR A 624 10.36 4.31 10.61
C THR A 624 9.67 4.03 11.94
N ALA A 625 9.37 2.76 12.21
CA ALA A 625 8.70 2.39 13.43
C ALA A 625 8.96 0.93 13.76
N VAL A 626 9.17 0.64 15.04
CA VAL A 626 9.36 -0.73 15.53
C VAL A 626 8.57 -0.88 16.83
N VAL A 627 7.83 -1.97 16.94
CA VAL A 627 7.04 -2.26 18.14
C VAL A 627 7.36 -3.67 18.63
N GLY A 628 7.10 -3.91 19.90
CA GLY A 628 7.38 -5.21 20.49
C GLY A 628 6.49 -5.48 21.68
N SER A 629 6.28 -6.76 21.97
CA SER A 629 5.41 -7.17 23.05
C SER A 629 6.14 -7.12 24.38
N MET A 630 5.36 -7.00 25.47
CA MET A 630 5.92 -6.89 26.82
C MET A 630 5.27 -7.85 27.80
N ASP A 631 4.70 -8.95 27.33
CA ASP A 631 4.15 -9.96 28.22
C ASP A 631 4.01 -11.26 27.44
N ALA A 632 3.55 -12.31 28.13
CA ALA A 632 3.50 -13.66 27.58
C ALA A 632 2.11 -14.07 27.11
N HIS A 633 1.15 -13.15 27.07
CA HIS A 633 -0.18 -13.51 26.64
C HIS A 633 -0.26 -13.70 25.13
N PRO A 634 0.19 -12.74 24.29
CA PRO A 634 0.65 -11.37 24.54
C PRO A 634 -0.45 -10.33 24.34
N SER A 635 -0.47 -9.23 25.09
CA SER A 635 -1.52 -8.24 24.93
C SER A 635 -1.01 -6.81 24.83
N ARG A 636 0.15 -6.52 25.41
CA ARG A 636 0.65 -5.16 25.53
C ARG A 636 1.85 -4.95 24.62
N TYR A 637 1.95 -3.75 24.05
CA TYR A 637 3.01 -3.42 23.11
C TYR A 637 3.57 -2.04 23.43
N CYS A 638 4.85 -1.84 23.07
CA CYS A 638 5.52 -0.57 23.21
C CYS A 638 6.17 -0.20 21.88
N ALA A 639 6.31 1.09 21.62
CA ALA A 639 6.71 1.57 20.30
C ALA A 639 7.85 2.57 20.39
N THR A 640 8.71 2.56 19.36
CA THR A 640 9.77 3.54 19.17
C THR A 640 9.75 4.00 17.72
N VAL A 641 10.17 5.25 17.50
CA VAL A 641 10.02 5.89 16.19
C VAL A 641 11.19 6.84 15.97
N ARG A 642 11.66 6.92 14.73
CA ARG A 642 12.80 7.75 14.35
C ARG A 642 12.55 8.35 12.97
N VAL A 643 13.46 9.24 12.55
CA VAL A 643 13.37 9.94 11.28
C VAL A 643 14.71 9.82 10.57
N GLN A 644 14.68 9.55 9.27
CA GLN A 644 15.90 9.28 8.51
C GLN A 644 15.88 10.03 7.19
N ARG A 645 16.94 9.82 6.41
CA ARG A 645 17.12 10.51 5.14
C ARG A 645 16.00 10.14 4.16
N PRO A 646 15.53 11.09 3.34
CA PRO A 646 14.45 10.77 2.41
C PRO A 646 14.84 9.69 1.40
N ARG A 647 13.84 8.86 1.07
CA ARG A 647 13.95 7.86 0.00
C ARG A 647 15.10 6.88 0.26
N GLN A 648 14.99 6.14 1.36
CA GLN A 648 15.89 5.03 1.65
C GLN A 648 15.06 3.86 2.17
N GLU A 649 15.42 2.65 1.75
CA GLU A 649 14.68 1.44 2.09
C GLU A 649 15.31 0.66 3.23
N ILE A 650 16.18 1.29 4.01
CA ILE A 650 16.88 0.65 5.11
C ILE A 650 16.53 1.39 6.40
N ILE A 651 16.32 0.63 7.47
CA ILE A 651 16.20 1.21 8.82
C ILE A 651 17.61 1.31 9.38
N GLU A 652 18.13 2.54 9.43
CA GLU A 652 19.53 2.74 9.80
C GLU A 652 19.79 2.55 11.29
N ASP A 653 18.77 2.66 12.13
CA ASP A 653 18.95 2.66 13.58
C ASP A 653 18.30 1.44 14.23
N LEU A 654 18.31 0.30 13.54
CA LEU A 654 17.63 -0.88 14.06
C LEU A 654 18.25 -1.34 15.38
N SER A 655 19.57 -1.22 15.50
CA SER A 655 20.27 -1.76 16.66
C SER A 655 19.81 -1.09 17.96
N TYR A 656 19.73 0.24 17.96
CA TYR A 656 19.36 0.95 19.17
C TYR A 656 17.91 0.68 19.55
N MET A 657 17.02 0.64 18.56
CA MET A 657 15.62 0.32 18.83
C MET A 657 15.48 -1.05 19.48
N VAL A 658 16.15 -2.05 18.91
CA VAL A 658 16.03 -3.41 19.43
C VAL A 658 16.63 -3.48 20.84
N ARG A 659 17.75 -2.80 21.06
CA ARG A 659 18.36 -2.81 22.39
C ARG A 659 17.43 -2.20 23.43
N GLU A 660 16.81 -1.06 23.09
CA GLU A 660 15.88 -0.41 24.04
C GLU A 660 14.68 -1.30 24.32
N LEU A 661 14.14 -1.93 23.28
CA LEU A 661 12.99 -2.82 23.48
C LEU A 661 13.36 -4.01 24.36
N LEU A 662 14.55 -4.57 24.17
CA LEU A 662 14.98 -5.69 25.02
C LEU A 662 15.16 -5.26 26.47
N ILE A 663 15.70 -4.06 26.69
CA ILE A 663 15.85 -3.54 28.06
C ILE A 663 14.48 -3.41 28.72
N GLN A 664 13.52 -2.83 28.00
CA GLN A 664 12.17 -2.67 28.56
C GLN A 664 11.52 -4.02 28.83
N PHE A 665 11.72 -4.99 27.94
CA PHE A 665 11.19 -6.33 28.16
C PHE A 665 11.76 -6.93 29.44
N TYR A 666 13.07 -6.78 29.65
CA TYR A 666 13.67 -7.30 30.88
C TYR A 666 13.12 -6.60 32.11
N LYS A 667 12.94 -5.28 32.03
CA LYS A 667 12.40 -4.56 33.18
C LYS A 667 11.00 -5.02 33.52
N SER A 668 10.17 -5.25 32.51
CA SER A 668 8.78 -5.62 32.75
C SER A 668 8.64 -7.08 33.20
N THR A 669 9.41 -7.99 32.63
CA THR A 669 9.18 -9.42 32.83
C THR A 669 10.12 -10.06 33.84
N ARG A 670 11.27 -9.44 34.12
CA ARG A 670 12.31 -10.03 34.98
C ARG A 670 12.90 -11.29 34.37
N PHE A 671 12.96 -11.34 33.04
CA PHE A 671 13.55 -12.46 32.31
C PHE A 671 14.14 -11.93 31.02
N LYS A 672 15.01 -12.73 30.41
CA LYS A 672 15.68 -12.35 29.18
C LYS A 672 15.25 -13.29 28.06
N PRO A 673 14.77 -12.77 26.93
CA PRO A 673 14.21 -13.66 25.90
C PRO A 673 15.26 -14.56 25.27
N THR A 674 14.82 -15.73 24.85
CA THR A 674 15.69 -16.69 24.17
C THR A 674 15.31 -16.91 22.72
N ARG A 675 14.26 -16.27 22.23
CA ARG A 675 13.86 -16.34 20.83
C ARG A 675 13.36 -14.98 20.39
N ILE A 676 13.47 -14.72 19.09
CA ILE A 676 13.00 -13.46 18.50
C ILE A 676 12.29 -13.78 17.19
N ILE A 677 11.11 -13.20 17.00
CA ILE A 677 10.33 -13.36 15.77
C ILE A 677 10.13 -11.98 15.16
N PHE A 678 10.54 -11.82 13.91
CA PHE A 678 10.52 -10.53 13.23
C PHE A 678 9.54 -10.59 12.05
N TYR A 679 8.68 -9.58 11.96
CA TYR A 679 7.69 -9.48 10.90
C TYR A 679 7.91 -8.19 10.15
N ARG A 680 8.80 -8.22 9.15
CA ARG A 680 9.04 -7.03 8.34
C ARG A 680 7.87 -6.77 7.40
N ASP A 681 7.49 -5.50 7.29
CA ASP A 681 6.35 -5.13 6.46
C ASP A 681 6.81 -5.06 5.00
N GLY A 682 5.97 -4.49 4.14
CA GLY A 682 6.19 -4.52 2.71
C GLY A 682 7.50 -3.92 2.22
N VAL A 683 8.24 -4.70 1.43
CA VAL A 683 9.50 -4.28 0.83
C VAL A 683 9.44 -4.60 -0.65
N PRO A 684 10.18 -3.89 -1.51
CA PRO A 684 10.19 -4.23 -2.93
C PRO A 684 10.75 -5.64 -3.15
N GLU A 685 10.20 -6.32 -4.17
CA GLU A 685 10.54 -7.73 -4.37
C GLU A 685 11.93 -7.90 -4.99
N GLY A 686 12.47 -6.85 -5.59
CA GLY A 686 13.75 -6.95 -6.25
C GLY A 686 14.95 -6.49 -5.46
N GLN A 687 14.80 -6.24 -4.15
CA GLN A 687 15.88 -5.71 -3.35
C GLN A 687 16.06 -6.41 -2.00
N LEU A 688 15.46 -7.58 -1.81
CA LEU A 688 15.47 -8.23 -0.50
C LEU A 688 16.82 -8.80 -0.03
N PRO A 689 17.72 -9.26 -0.91
CA PRO A 689 18.98 -9.83 -0.39
C PRO A 689 19.78 -8.87 0.48
N GLN A 690 20.01 -7.63 0.01
CA GLN A 690 20.77 -6.69 0.81
C GLN A 690 19.99 -6.22 2.04
N ILE A 691 18.66 -6.16 1.94
CA ILE A 691 17.84 -5.87 3.10
C ILE A 691 18.12 -6.88 4.22
N LEU A 692 18.05 -8.16 3.88
CA LEU A 692 18.31 -9.20 4.86
C LEU A 692 19.74 -9.13 5.36
N HIS A 693 20.70 -8.94 4.44
CA HIS A 693 22.11 -8.93 4.82
C HIS A 693 22.41 -7.83 5.84
N TYR A 694 21.87 -6.64 5.63
CA TYR A 694 22.11 -5.56 6.57
C TYR A 694 21.36 -5.78 7.88
N GLU A 695 20.05 -6.04 7.79
CA GLU A 695 19.22 -6.12 9.03
C GLU A 695 19.69 -7.25 9.94
N LEU A 696 19.90 -8.45 9.41
CA LEU A 696 20.27 -9.56 10.29
C LEU A 696 21.51 -9.21 11.10
N LEU A 697 22.51 -8.62 10.44
CA LEU A 697 23.71 -8.19 11.14
C LEU A 697 23.39 -7.12 12.16
N ALA A 698 22.47 -6.20 11.83
CA ALA A 698 22.09 -5.17 12.79
C ALA A 698 21.47 -5.77 14.05
N ILE A 699 20.57 -6.75 13.88
CA ILE A 699 19.94 -7.36 15.04
C ILE A 699 20.98 -8.10 15.89
N ARG A 700 21.89 -8.84 15.24
CA ARG A 700 22.91 -9.55 16.00
C ARG A 700 23.82 -8.58 16.75
N ASP A 701 24.17 -7.47 16.10
CA ASP A 701 24.99 -6.44 16.73
C ASP A 701 24.29 -5.86 17.96
N ALA A 702 22.98 -5.60 17.84
CA ALA A 702 22.23 -5.11 18.99
C ALA A 702 22.24 -6.13 20.12
N CYS A 703 22.12 -7.41 19.78
CA CYS A 703 22.11 -8.45 20.80
C CYS A 703 23.46 -8.53 21.53
N ILE A 704 24.57 -8.43 20.79
CA ILE A 704 25.87 -8.67 21.41
C ILE A 704 26.26 -7.53 22.36
N LYS A 705 25.81 -6.30 22.09
CA LYS A 705 26.19 -5.16 22.92
C LYS A 705 25.59 -5.22 24.31
N LEU A 706 24.37 -5.74 24.44
CA LEU A 706 23.68 -5.72 25.72
C LEU A 706 24.41 -6.54 26.77
N GLU A 707 24.92 -7.71 26.39
CA GLU A 707 25.63 -8.57 27.32
C GLU A 707 26.57 -9.47 26.53
N LYS A 708 27.64 -9.92 27.17
CA LYS A 708 28.61 -10.78 26.51
C LYS A 708 28.08 -12.20 26.38
N ASP A 709 28.33 -12.80 25.22
CA ASP A 709 27.92 -14.18 24.93
C ASP A 709 26.42 -14.39 25.13
N TYR A 710 25.62 -13.49 24.56
CA TYR A 710 24.17 -13.61 24.54
C TYR A 710 23.74 -13.80 23.10
N GLN A 711 23.16 -14.96 22.79
CA GLN A 711 22.83 -15.33 21.42
C GLN A 711 21.44 -15.96 21.36
N PRO A 712 20.41 -15.20 21.02
CA PRO A 712 19.08 -15.78 20.83
C PRO A 712 18.81 -16.13 19.38
N GLY A 713 18.02 -17.19 19.20
CA GLY A 713 17.63 -17.59 17.86
C GLY A 713 16.73 -16.54 17.22
N ILE A 714 16.99 -16.27 15.94
CA ILE A 714 16.30 -15.24 15.19
C ILE A 714 15.54 -15.85 14.03
N THR A 715 14.30 -15.41 13.83
CA THR A 715 13.48 -15.83 12.69
C THR A 715 13.03 -14.59 11.93
N TYR A 716 13.19 -14.59 10.62
CA TYR A 716 12.92 -13.43 9.78
C TYR A 716 11.82 -13.78 8.79
N ILE A 717 10.75 -13.01 8.81
CA ILE A 717 9.59 -13.22 7.94
C ILE A 717 9.18 -11.89 7.34
N VAL A 718 8.89 -11.90 6.04
CA VAL A 718 8.44 -10.71 5.33
C VAL A 718 7.06 -10.98 4.74
N VAL A 719 6.16 -10.00 4.86
CA VAL A 719 4.78 -10.14 4.43
C VAL A 719 4.51 -9.15 3.30
N GLN A 720 3.81 -9.61 2.28
CA GLN A 720 3.55 -8.85 1.07
C GLN A 720 2.07 -8.83 0.76
N LYS A 721 1.53 -7.63 0.48
CA LYS A 721 0.12 -7.48 0.15
C LYS A 721 -0.12 -6.80 -1.18
N ARG A 722 0.92 -6.53 -1.95
CA ARG A 722 0.79 -5.85 -3.25
C ARG A 722 1.18 -6.85 -4.34
N HIS A 723 0.21 -7.64 -4.79
CA HIS A 723 0.40 -8.55 -5.90
C HIS A 723 -0.92 -8.69 -6.65
N HIS A 724 -0.97 -9.62 -7.59
CA HIS A 724 -2.13 -9.80 -8.46
C HIS A 724 -2.53 -11.26 -8.55
N THR A 725 -2.64 -11.93 -7.41
CA THR A 725 -3.06 -13.32 -7.36
C THR A 725 -4.40 -13.41 -6.63
N ARG A 726 -5.37 -14.05 -7.28
CA ARG A 726 -6.71 -14.22 -6.74
C ARG A 726 -7.10 -15.68 -6.78
N LEU A 727 -7.90 -16.10 -5.81
CA LEU A 727 -8.35 -17.47 -5.68
C LEU A 727 -9.86 -17.51 -5.66
N PHE A 728 -10.45 -18.42 -6.44
CA PHE A 728 -11.89 -18.58 -6.56
C PHE A 728 -12.29 -19.97 -6.10
N CYS A 729 -13.60 -20.23 -6.11
CA CYS A 729 -14.13 -21.52 -5.68
C CYS A 729 -14.53 -22.35 -6.90
N ALA A 730 -14.13 -23.63 -6.88
CA ALA A 730 -14.49 -24.54 -7.97
C ALA A 730 -15.93 -25.00 -7.85
N ASP A 731 -16.43 -25.15 -6.63
CA ASP A 731 -17.80 -25.61 -6.38
C ASP A 731 -18.70 -24.42 -6.08
N LYS A 732 -19.95 -24.51 -6.56
CA LYS A 732 -20.90 -23.42 -6.34
C LYS A 732 -21.40 -23.42 -4.90
N ASN A 733 -21.62 -24.60 -4.32
CA ASN A 733 -22.22 -24.68 -2.99
C ASN A 733 -21.31 -24.15 -1.89
N GLU A 734 -20.01 -24.05 -2.14
CA GLU A 734 -19.06 -23.65 -1.11
C GLU A 734 -18.80 -22.16 -1.08
N ARG A 735 -19.38 -21.39 -1.98
CA ARG A 735 -19.28 -19.94 -1.89
C ARG A 735 -20.03 -19.45 -0.66
N ILE A 736 -19.41 -18.54 0.08
CA ILE A 736 -19.92 -18.08 1.38
C ILE A 736 -20.09 -16.58 1.32
N GLY A 737 -21.27 -16.10 1.73
CA GLY A 737 -21.56 -14.69 1.74
C GLY A 737 -22.27 -14.22 0.49
N LYS A 738 -22.50 -12.91 0.45
CA LYS A 738 -23.15 -12.29 -0.70
C LYS A 738 -22.27 -12.39 -1.95
N SER A 739 -20.98 -12.11 -1.82
CA SER A 739 -20.07 -12.05 -2.95
C SER A 739 -19.47 -13.40 -3.31
N GLY A 740 -19.75 -14.43 -2.53
CA GLY A 740 -19.25 -15.76 -2.85
C GLY A 740 -17.75 -15.90 -2.76
N ASN A 741 -17.12 -15.24 -1.80
CA ASN A 741 -15.69 -15.35 -1.64
C ASN A 741 -15.32 -16.67 -0.98
N ILE A 742 -14.03 -16.95 -0.93
CA ILE A 742 -13.52 -18.16 -0.27
C ILE A 742 -13.66 -17.98 1.24
N PRO A 743 -13.83 -19.06 2.01
CA PRO A 743 -13.94 -18.92 3.46
C PRO A 743 -12.64 -18.45 4.08
N ALA A 744 -12.75 -17.99 5.33
CA ALA A 744 -11.61 -17.43 6.04
C ALA A 744 -10.72 -18.55 6.58
N GLY A 745 -9.46 -18.57 6.16
CA GLY A 745 -8.50 -19.53 6.68
C GLY A 745 -8.04 -20.57 5.69
N THR A 746 -7.95 -20.21 4.42
CA THR A 746 -7.54 -21.14 3.37
C THR A 746 -6.04 -21.00 3.11
N THR A 747 -5.32 -22.12 3.18
CA THR A 747 -3.88 -22.14 3.02
C THR A 747 -3.52 -22.86 1.72
N VAL A 748 -2.69 -22.21 0.90
CA VAL A 748 -2.21 -22.77 -0.35
C VAL A 748 -0.69 -22.68 -0.36
N ASP A 749 -0.03 -23.83 -0.55
CA ASP A 749 1.43 -23.82 -0.61
C ASP A 749 1.98 -24.77 -1.68
N THR A 750 1.19 -25.07 -2.72
CA THR A 750 1.63 -25.98 -3.77
C THR A 750 1.16 -25.47 -5.13
N ASN A 751 1.89 -25.86 -6.16
CA ASN A 751 1.49 -25.75 -7.56
C ASN A 751 1.50 -24.32 -8.11
N ILE A 752 1.67 -23.32 -7.25
CA ILE A 752 1.72 -21.94 -7.72
C ILE A 752 2.86 -21.19 -7.05
N THR A 753 3.61 -21.86 -6.20
CA THR A 753 4.64 -21.21 -5.39
C THR A 753 6.04 -21.50 -5.95
N HIS A 754 7.04 -20.99 -5.25
CA HIS A 754 8.42 -21.11 -5.71
C HIS A 754 8.87 -22.58 -5.66
N PRO A 755 9.71 -23.02 -6.60
CA PRO A 755 10.03 -24.46 -6.68
C PRO A 755 10.78 -25.00 -5.47
N PHE A 756 11.69 -24.23 -4.86
CA PHE A 756 12.54 -24.81 -3.83
C PHE A 756 12.72 -23.90 -2.61
N GLU A 757 11.86 -22.93 -2.41
CA GLU A 757 11.96 -22.01 -1.29
C GLU A 757 10.78 -22.19 -0.35
N PHE A 758 10.76 -21.41 0.73
CA PHE A 758 9.81 -21.57 1.82
C PHE A 758 8.86 -20.38 1.83
N ASP A 759 7.63 -20.60 1.36
CA ASP A 759 6.62 -19.55 1.33
C ASP A 759 5.25 -20.21 1.21
N PHE A 760 4.21 -19.42 1.49
CA PHE A 760 2.84 -19.92 1.43
C PHE A 760 1.89 -18.75 1.28
N TYR A 761 0.60 -19.07 1.07
CA TYR A 761 -0.47 -18.11 0.97
C TYR A 761 -1.45 -18.32 2.12
N LEU A 762 -2.17 -17.26 2.48
CA LEU A 762 -3.14 -17.35 3.55
C LEU A 762 -4.18 -16.24 3.39
N CYS A 763 -5.45 -16.59 3.63
CA CYS A 763 -6.55 -15.63 3.63
C CYS A 763 -7.29 -15.79 4.96
N SER A 764 -7.05 -14.87 5.90
CA SER A 764 -7.52 -15.02 7.27
C SER A 764 -8.65 -14.06 7.62
N HIS A 765 -9.28 -13.45 6.63
CA HIS A 765 -10.40 -12.55 6.89
C HIS A 765 -11.53 -12.84 5.91
N ALA A 766 -12.75 -12.55 6.34
CA ALA A 766 -13.94 -12.75 5.54
C ALA A 766 -14.29 -11.44 4.84
N GLY A 767 -14.17 -11.42 3.51
CA GLY A 767 -14.48 -10.22 2.77
C GLY A 767 -15.96 -9.91 2.78
N ILE A 768 -16.27 -8.61 2.73
CA ILE A 768 -17.65 -8.14 2.72
C ILE A 768 -18.12 -7.96 1.29
N GLN A 769 -17.43 -7.10 0.54
CA GLN A 769 -17.74 -6.87 -0.86
C GLN A 769 -16.46 -6.91 -1.68
N GLY A 770 -16.59 -7.25 -2.95
CA GLY A 770 -15.43 -7.42 -3.81
C GLY A 770 -14.79 -8.78 -3.65
N THR A 771 -13.62 -8.91 -4.24
CA THR A 771 -12.85 -10.15 -4.21
C THR A 771 -11.67 -10.00 -3.26
N SER A 772 -11.48 -10.99 -2.39
CA SER A 772 -10.45 -10.91 -1.37
C SER A 772 -9.06 -11.04 -1.96
N ARG A 773 -8.08 -10.47 -1.27
CA ARG A 773 -6.67 -10.59 -1.64
C ARG A 773 -5.95 -11.44 -0.60
N PRO A 774 -5.55 -12.66 -0.92
CA PRO A 774 -4.70 -13.42 0.02
C PRO A 774 -3.34 -12.76 0.18
N SER A 775 -2.74 -12.97 1.34
CA SER A 775 -1.44 -12.37 1.66
C SER A 775 -0.32 -13.39 1.47
N HIS A 776 0.84 -12.89 1.05
CA HIS A 776 1.98 -13.72 0.70
C HIS A 776 3.05 -13.58 1.78
N TYR A 777 3.40 -14.71 2.40
CA TYR A 777 4.45 -14.76 3.41
C TYR A 777 5.67 -15.48 2.85
N TYR A 778 6.85 -15.05 3.30
CA TYR A 778 8.10 -15.52 2.69
C TYR A 778 9.17 -15.54 3.75
N VAL A 779 9.54 -16.74 4.21
CA VAL A 779 10.54 -16.88 5.26
C VAL A 779 11.93 -16.72 4.65
N LEU A 780 12.73 -15.83 5.22
CA LEU A 780 14.05 -15.51 4.70
C LEU A 780 15.18 -16.18 5.48
N TRP A 781 15.17 -16.07 6.81
CA TRP A 781 16.17 -16.70 7.65
C TRP A 781 15.47 -17.31 8.86
N ASP A 782 15.75 -18.58 9.13
CA ASP A 782 15.14 -19.30 10.23
C ASP A 782 16.21 -20.01 11.03
N ASP A 783 16.03 -20.05 12.35
CA ASP A 783 17.02 -20.61 13.24
C ASP A 783 16.45 -21.50 14.34
N ASN A 784 15.13 -21.69 14.38
CA ASN A 784 14.49 -22.46 15.44
C ASN A 784 14.00 -23.83 14.97
N ARG A 785 14.27 -24.20 13.72
CA ARG A 785 13.87 -25.49 13.16
C ARG A 785 12.36 -25.68 13.24
N PHE A 786 11.61 -24.66 12.84
CA PHE A 786 10.16 -24.77 12.77
C PHE A 786 9.75 -25.63 11.58
N THR A 787 8.56 -26.21 11.67
CA THR A 787 7.95 -26.92 10.55
C THR A 787 7.09 -25.94 9.77
N ALA A 788 6.29 -26.44 8.83
CA ALA A 788 5.44 -25.57 8.04
C ALA A 788 4.09 -25.35 8.72
N ASP A 789 3.45 -26.43 9.18
CA ASP A 789 2.14 -26.31 9.78
C ASP A 789 2.19 -25.51 11.07
N GLU A 790 3.26 -25.67 11.85
CA GLU A 790 3.40 -24.89 13.10
C GLU A 790 3.43 -23.40 12.80
N LEU A 791 4.21 -22.99 11.81
CA LEU A 791 4.29 -21.57 11.48
C LEU A 791 2.98 -21.05 10.90
N GLN A 792 2.31 -21.85 10.08
CA GLN A 792 1.02 -21.44 9.54
C GLN A 792 0.00 -21.24 10.66
N ILE A 793 -0.07 -22.19 11.58
CA ILE A 793 -1.01 -22.08 12.70
C ILE A 793 -0.67 -20.88 13.57
N LEU A 794 0.62 -20.63 13.81
CA LEU A 794 1.01 -19.50 14.63
C LEU A 794 0.61 -18.18 13.99
N THR A 795 0.82 -18.03 12.68
CA THR A 795 0.40 -16.80 12.02
C THR A 795 -1.12 -16.63 12.07
N TYR A 796 -1.86 -17.72 11.84
CA TYR A 796 -3.32 -17.62 11.90
C TYR A 796 -3.78 -17.21 13.30
N GLN A 797 -3.17 -17.78 14.34
CA GLN A 797 -3.56 -17.44 15.70
C GLN A 797 -3.20 -15.99 16.05
N LEU A 798 -2.04 -15.52 15.61
CA LEU A 798 -1.66 -14.14 15.86
C LEU A 798 -2.52 -13.16 15.09
N CYS A 799 -3.23 -13.63 14.06
CA CYS A 799 -4.16 -12.74 13.37
C CYS A 799 -5.39 -12.38 14.20
N HIS A 800 -5.60 -13.02 15.35
CA HIS A 800 -6.84 -12.87 16.11
C HIS A 800 -6.72 -11.95 17.31
N THR A 801 -5.56 -11.36 17.58
CA THR A 801 -5.32 -10.60 18.80
C THR A 801 -5.34 -9.10 18.57
N TYR A 802 -6.24 -8.61 17.71
CA TYR A 802 -6.36 -7.18 17.46
C TYR A 802 -7.38 -6.60 18.43
N VAL A 803 -7.08 -5.41 18.98
CA VAL A 803 -7.82 -4.88 20.12
C VAL A 803 -8.88 -3.85 19.74
N ARG A 804 -8.89 -3.37 18.50
CA ARG A 804 -9.81 -2.30 18.13
C ARG A 804 -11.13 -2.79 17.58
N CYS A 805 -11.30 -4.11 17.42
CA CYS A 805 -12.56 -4.66 16.91
C CYS A 805 -12.60 -6.14 17.24
N THR A 806 -13.82 -6.69 17.26
CA THR A 806 -14.02 -8.12 17.48
C THR A 806 -14.18 -8.84 16.15
N ARG A 807 -13.08 -8.87 15.40
CA ARG A 807 -13.05 -9.48 14.07
C ARG A 807 -11.68 -10.11 13.86
N SER A 808 -11.42 -10.51 12.62
CA SER A 808 -10.12 -11.03 12.22
C SER A 808 -9.58 -10.14 11.11
N VAL A 809 -8.29 -9.79 11.21
CA VAL A 809 -7.70 -8.82 10.30
C VAL A 809 -6.81 -9.56 9.29
N SER A 810 -6.35 -8.83 8.28
CA SER A 810 -5.65 -9.44 7.16
C SER A 810 -4.19 -9.74 7.45
N ILE A 811 -3.56 -9.03 8.38
CA ILE A 811 -2.15 -9.24 8.69
C ILE A 811 -2.00 -9.36 10.20
N PRO A 812 -0.91 -9.97 10.67
CA PRO A 812 -0.71 -10.10 12.12
C PRO A 812 -0.66 -8.75 12.82
N ALA A 813 -0.86 -8.80 14.14
CA ALA A 813 -0.97 -7.58 14.93
C ALA A 813 0.27 -6.69 14.90
N PRO A 814 1.50 -7.19 15.09
CA PRO A 814 2.64 -6.26 15.20
C PRO A 814 2.84 -5.35 13.99
N ALA A 815 2.68 -5.88 12.78
CA ALA A 815 2.85 -5.04 11.59
C ALA A 815 1.78 -3.97 11.51
N TYR A 816 0.54 -4.32 11.87
CA TYR A 816 -0.55 -3.37 11.81
C TYR A 816 -0.33 -2.24 12.83
N TYR A 817 0.14 -2.61 14.03
CA TYR A 817 0.45 -1.60 15.04
C TYR A 817 1.60 -0.70 14.57
N ALA A 818 2.61 -1.27 13.91
CA ALA A 818 3.70 -0.45 13.40
C ALA A 818 3.21 0.56 12.38
N ARG A 819 2.30 0.14 11.50
CA ARG A 819 1.69 1.08 10.55
C ARG A 819 0.96 2.20 11.29
N LEU A 820 0.19 1.85 12.31
CA LEU A 820 -0.53 2.87 13.06
C LEU A 820 0.43 3.86 13.72
N VAL A 821 1.54 3.37 14.28
CA VAL A 821 2.53 4.24 14.90
C VAL A 821 3.12 5.19 13.87
N ALA A 822 3.44 4.69 12.67
CA ALA A 822 4.02 5.54 11.65
C ALA A 822 3.07 6.66 11.23
N PHE A 823 1.79 6.33 11.03
CA PHE A 823 0.83 7.38 10.66
C PHE A 823 0.65 8.39 11.79
N ARG A 824 0.62 7.93 13.04
CA ARG A 824 0.51 8.88 14.15
C ARG A 824 1.70 9.81 14.21
N ALA A 825 2.91 9.29 13.97
CA ALA A 825 4.09 10.15 13.94
C ALA A 825 3.99 11.18 12.83
N ARG A 826 3.49 10.76 11.66
CA ARG A 826 3.31 11.71 10.57
C ARG A 826 2.34 12.83 10.97
N TYR A 827 1.27 12.49 11.70
CA TYR A 827 0.40 13.54 12.23
C TYR A 827 1.13 14.44 13.22
N HIS A 828 2.04 13.86 14.02
CA HIS A 828 2.79 14.65 14.98
C HIS A 828 3.68 15.67 14.29
N LEU A 829 4.23 15.32 13.12
CA LEU A 829 5.24 16.17 12.49
C LEU A 829 4.69 17.44 11.85
N VAL A 830 3.37 17.58 11.73
CA VAL A 830 2.81 18.73 11.03
C VAL A 830 3.11 20.01 11.80
N ASP A 831 3.29 21.12 11.08
CA ASP A 831 3.62 22.39 11.69
C ASP A 831 2.71 23.54 11.21
N LYS A 832 1.61 23.22 10.54
CA LYS A 832 0.66 24.25 10.07
C LYS A 832 1.32 25.28 9.17
N ARG A 849 20.16 22.89 12.96
CA ARG A 849 19.06 22.96 13.91
C ARG A 849 17.84 22.20 13.43
N ASP A 850 17.67 22.13 12.10
CA ASP A 850 16.49 21.46 11.54
C ASP A 850 16.40 19.99 11.90
N PRO A 851 17.43 19.15 11.70
CA PRO A 851 17.25 17.71 11.96
C PRO A 851 17.11 17.39 13.43
N GLN A 852 17.85 18.07 14.31
CA GLN A 852 17.64 17.88 15.74
C GLN A 852 16.25 18.34 16.15
N ALA A 853 15.75 19.42 15.52
CA ALA A 853 14.39 19.87 15.80
C ALA A 853 13.36 18.81 15.42
N LEU A 854 13.51 18.19 14.26
CA LEU A 854 12.59 17.13 13.87
C LEU A 854 12.69 15.93 14.81
N ALA A 855 13.92 15.53 15.16
CA ALA A 855 14.10 14.38 16.04
C ALA A 855 13.49 14.65 17.42
N LYS A 856 13.54 15.90 17.88
CA LYS A 856 12.90 16.24 19.14
C LYS A 856 11.38 16.28 18.99
N ALA A 857 10.89 16.74 17.84
CA ALA A 857 9.45 16.85 17.64
C ALA A 857 8.78 15.48 17.62
N VAL A 858 9.43 14.49 16.99
CA VAL A 858 8.80 13.18 16.89
C VAL A 858 8.73 12.48 18.25
N GLN A 859 9.66 12.78 19.15
CA GLN A 859 9.69 12.13 20.46
C GLN A 859 8.48 12.54 21.30
N VAL A 860 7.99 11.59 22.12
CA VAL A 860 6.81 11.81 22.95
C VAL A 860 7.25 11.98 24.40
N HIS A 861 6.29 12.36 25.24
CA HIS A 861 6.54 12.61 26.65
C HIS A 861 6.77 11.31 27.41
N GLN A 862 7.31 11.45 28.62
CA GLN A 862 7.70 10.28 29.42
C GLN A 862 6.51 9.61 30.10
N ASP A 863 5.40 10.32 30.32
CA ASP A 863 4.27 9.73 31.02
C ASP A 863 3.51 8.76 30.14
N THR A 864 3.36 9.07 28.85
CA THR A 864 2.65 8.21 27.91
C THR A 864 3.58 7.42 27.02
N LEU A 865 4.88 7.38 27.33
CA LEU A 865 5.83 6.68 26.48
C LEU A 865 5.60 5.18 26.52
N ARG A 866 5.33 4.63 27.70
CA ARG A 866 5.25 3.18 27.88
C ARG A 866 3.82 2.68 27.98
N THR A 867 2.91 3.29 27.23
CA THR A 867 1.51 2.87 27.17
C THR A 867 1.08 2.83 25.70
N MET A 868 -0.09 2.24 25.46
CA MET A 868 -0.56 1.96 24.11
C MET A 868 -1.39 3.13 23.59
N TYR A 869 -0.69 4.24 23.34
CA TYR A 869 -1.34 5.47 22.92
C TYR A 869 -1.81 5.43 21.46
N PHE A 870 -1.18 4.61 20.62
CA PHE A 870 -1.49 4.61 19.20
C PHE A 870 -2.82 3.94 18.88
N ALA A 871 -3.24 2.94 19.66
CA ALA A 871 -4.50 2.27 19.42
C ALA A 871 -5.63 2.95 20.18
#